data_2WTM
#
_entry.id   2WTM
#
_cell.length_a   52.035
_cell.length_b   109.067
_cell.length_c   91.647
_cell.angle_alpha   90.00
_cell.angle_beta   102.18
_cell.angle_gamma   90.00
#
_symmetry.space_group_name_H-M   'P 1 21 1'
#
loop_
_entity.id
_entity.type
_entity.pdbx_description
1 polymer EST1E
2 non-polymer 'PHOSPHATE ION'
3 non-polymer GLYCEROL
4 water water
#
_entity_poly.entity_id   1
_entity_poly.type   'polypeptide(L)'
_entity_poly.pdbx_seq_one_letter_code
;SGAMYIDCDGIKLNAYLDMPKNNPEKCPLCIIIHGFTGHSEERHIVAVQETLNEIGVATLRADMYGHGKSDGKFEDHTLF
KWLTNILAVVDYAKKLDFVTDIYMAGHSQGGLSVMLAAAMERDIIKALIPLSPAAMIPEIARTGELLGLKFDPENIPDEL
DAWDGRKLKGNYVRVAQTIRVEDFVDKYTKPVLIVHGDQDEAVPYEASVAFSKQYKNCKLVTIPGDTHCYDHHLELVTEA
VKEFMLEQIAK
;
_entity_poly.pdbx_strand_id   A,B,C,D
#
loop_
_chem_comp.id
_chem_comp.type
_chem_comp.name
_chem_comp.formula
GOL non-polymer GLYCEROL 'C3 H8 O3'
PO4 non-polymer 'PHOSPHATE ION' 'O4 P -3'
#
# COMPACT_ATOMS: atom_id res chain seq x y z
N GLY A 2 -34.68 1.65 14.44
CA GLY A 2 -35.42 0.84 13.43
C GLY A 2 -34.83 -0.56 13.28
N ALA A 3 -35.58 -1.44 12.61
CA ALA A 3 -35.07 -2.72 12.12
C ALA A 3 -34.74 -2.58 10.66
N MET A 4 -33.75 -3.34 10.17
CA MET A 4 -33.31 -3.21 8.81
C MET A 4 -32.65 -4.54 8.45
N TYR A 5 -32.45 -4.78 7.15
CA TYR A 5 -31.63 -5.89 6.68
CA TYR A 5 -31.59 -5.89 6.68
C TYR A 5 -30.31 -5.36 6.12
N ILE A 6 -29.20 -5.94 6.54
CA ILE A 6 -27.89 -5.69 6.00
C ILE A 6 -27.53 -6.84 5.07
N ASP A 7 -27.32 -6.56 3.80
CA ASP A 7 -27.00 -7.62 2.86
CA ASP A 7 -26.98 -7.61 2.83
C ASP A 7 -25.59 -8.11 3.11
N CYS A 8 -25.43 -9.41 3.02
CA CYS A 8 -24.10 -10.03 3.07
C CYS A 8 -24.08 -11.04 1.96
N ASP A 9 -23.69 -10.59 0.75
CA ASP A 9 -23.78 -11.37 -0.47
C ASP A 9 -25.15 -12.00 -0.49
N GLY A 10 -25.30 -13.29 -0.60
CA GLY A 10 -26.70 -13.82 -0.71
C GLY A 10 -27.57 -13.85 0.53
N ILE A 11 -27.08 -13.33 1.65
CA ILE A 11 -27.71 -13.57 2.95
C ILE A 11 -28.11 -12.22 3.54
N LYS A 12 -29.40 -12.06 3.84
CA LYS A 12 -29.84 -10.89 4.54
C LYS A 12 -29.71 -11.07 6.06
N LEU A 13 -29.04 -10.11 6.70
CA LEU A 13 -28.86 -10.07 8.16
C LEU A 13 -29.83 -9.05 8.80
N ASN A 14 -30.71 -9.59 9.61
CA ASN A 14 -31.64 -8.74 10.39
C ASN A 14 -30.83 -7.92 11.41
N ALA A 15 -31.13 -6.66 11.55
CA ALA A 15 -30.43 -5.84 12.56
C ALA A 15 -31.32 -4.75 13.11
N TYR A 16 -31.00 -4.31 14.32
CA TYR A 16 -31.79 -3.28 15.01
C TYR A 16 -30.82 -2.15 15.31
N LEU A 17 -31.13 -0.95 14.83
CA LEU A 17 -30.37 0.23 15.18
C LEU A 17 -31.17 1.00 16.22
N ASP A 18 -30.57 1.24 17.39
CA ASP A 18 -31.22 2.04 18.44
C ASP A 18 -30.34 3.17 18.79
N MET A 19 -30.95 4.38 18.80
CA MET A 19 -30.23 5.60 19.04
C MET A 19 -30.41 6.08 20.47
N PRO A 20 -29.45 6.88 20.97
CA PRO A 20 -29.69 7.48 22.30
C PRO A 20 -30.91 8.39 22.18
N LYS A 21 -31.61 8.53 23.31
CA LYS A 21 -32.93 9.19 23.42
C LYS A 21 -33.01 10.47 22.66
N ASN A 22 -31.96 11.26 22.81
CA ASN A 22 -31.97 12.62 22.36
C ASN A 22 -31.78 12.74 20.86
N ASN A 23 -31.53 11.62 20.15
CA ASN A 23 -31.26 11.64 18.71
C ASN A 23 -30.13 12.62 18.42
N PRO A 24 -28.89 12.30 18.86
CA PRO A 24 -27.76 13.18 18.62
C PRO A 24 -27.36 13.09 17.18
N GLU A 25 -26.81 14.17 16.63
CA GLU A 25 -26.30 14.13 15.26
C GLU A 25 -24.97 13.35 15.14
N LYS A 26 -24.22 13.25 16.24
CA LYS A 26 -23.00 12.45 16.32
C LYS A 26 -22.98 11.67 17.64
N CYS A 27 -22.64 10.37 17.55
CA CYS A 27 -22.48 9.59 18.77
C CYS A 27 -21.72 8.31 18.43
N PRO A 28 -21.17 7.64 19.47
CA PRO A 28 -20.54 6.34 19.25
C PRO A 28 -21.56 5.26 18.92
N LEU A 29 -21.11 4.12 18.41
CA LEU A 29 -22.01 3.02 18.04
C LEU A 29 -21.37 1.71 18.56
N CYS A 30 -22.15 0.89 19.25
CA CYS A 30 -21.68 -0.45 19.65
C CYS A 30 -22.44 -1.51 18.89
N ILE A 31 -21.69 -2.37 18.19
CA ILE A 31 -22.20 -3.56 17.56
C ILE A 31 -22.33 -4.67 18.63
N ILE A 32 -23.47 -5.34 18.66
CA ILE A 32 -23.77 -6.35 19.69
C ILE A 32 -24.15 -7.64 19.00
N ILE A 33 -23.45 -8.70 19.33
CA ILE A 33 -23.62 -10.02 18.73
C ILE A 33 -24.04 -11.09 19.76
N HIS A 34 -25.19 -11.73 19.52
CA HIS A 34 -25.71 -12.75 20.39
C HIS A 34 -24.96 -14.09 20.27
N GLY A 35 -25.42 -15.09 21.06
CA GLY A 35 -24.79 -16.41 21.03
C GLY A 35 -25.48 -17.46 20.18
N PHE A 36 -24.95 -18.67 20.30
CA PHE A 36 -25.33 -19.89 19.55
C PHE A 36 -26.73 -20.26 19.98
N THR A 37 -27.62 -20.32 19.00
CA THR A 37 -29.13 -20.47 19.19
C THR A 37 -29.82 -19.19 19.64
N GLY A 38 -29.05 -18.14 19.92
CA GLY A 38 -29.57 -16.89 20.44
C GLY A 38 -30.02 -15.96 19.34
N HIS A 39 -30.40 -14.78 19.75
CA HIS A 39 -30.90 -13.76 18.86
C HIS A 39 -30.89 -12.41 19.58
N SER A 40 -31.15 -11.38 18.78
CA SER A 40 -30.93 -10.01 19.19
C SER A 40 -31.97 -9.47 20.20
N GLU A 41 -33.10 -10.17 20.34
CA GLU A 41 -34.15 -9.77 21.32
C GLU A 41 -34.09 -10.49 22.65
N GLU A 42 -33.04 -11.25 22.93
CA GLU A 42 -32.88 -11.90 24.22
C GLU A 42 -32.72 -10.93 25.39
N ARG A 43 -33.27 -11.28 26.55
CA ARG A 43 -33.21 -10.42 27.71
C ARG A 43 -31.87 -9.78 27.98
N HIS A 44 -30.80 -10.60 28.01
CA HIS A 44 -29.50 -10.07 28.38
C HIS A 44 -28.94 -9.12 27.31
N ILE A 45 -29.26 -9.41 26.05
CA ILE A 45 -28.86 -8.58 24.90
C ILE A 45 -29.51 -7.19 24.97
N VAL A 46 -30.85 -7.22 25.16
CA VAL A 46 -31.59 -5.99 25.27
C VAL A 46 -31.18 -5.16 26.47
N ALA A 47 -30.89 -5.81 27.59
CA ALA A 47 -30.40 -5.10 28.78
C ALA A 47 -29.11 -4.35 28.55
N VAL A 48 -28.18 -5.00 27.90
CA VAL A 48 -26.97 -4.31 27.51
C VAL A 48 -27.20 -3.18 26.50
N GLN A 49 -28.00 -3.45 25.46
CA GLN A 49 -28.37 -2.46 24.48
C GLN A 49 -28.97 -1.19 25.12
N GLU A 50 -29.89 -1.41 26.05
CA GLU A 50 -30.62 -0.29 26.71
C GLU A 50 -29.69 0.53 27.55
N THR A 51 -28.84 -0.15 28.29
CA THR A 51 -27.79 0.52 29.03
C THR A 51 -26.88 1.41 28.17
N LEU A 52 -26.42 0.87 27.03
CA LEU A 52 -25.60 1.65 26.15
C LEU A 52 -26.32 2.89 25.62
N ASN A 53 -27.55 2.73 25.17
CA ASN A 53 -28.30 3.85 24.65
C ASN A 53 -28.47 4.93 25.75
N GLU A 54 -28.65 4.48 26.98
CA GLU A 54 -28.82 5.41 28.11
C GLU A 54 -27.63 6.31 28.37
N ILE A 55 -26.39 5.83 28.12
CA ILE A 55 -25.22 6.67 28.26
C ILE A 55 -24.79 7.41 26.98
N GLY A 56 -25.60 7.31 25.92
CA GLY A 56 -25.29 8.03 24.71
C GLY A 56 -24.63 7.28 23.57
N VAL A 57 -24.75 5.98 23.64
CA VAL A 57 -24.14 5.07 22.61
C VAL A 57 -25.26 4.42 21.83
N ALA A 58 -25.23 4.67 20.53
CA ALA A 58 -26.15 3.97 19.63
C ALA A 58 -25.71 2.50 19.60
N THR A 59 -26.65 1.63 19.26
CA THR A 59 -26.36 0.19 19.22
C THR A 59 -26.86 -0.39 17.93
N LEU A 60 -26.13 -1.41 17.47
CA LEU A 60 -26.55 -2.14 16.28
C LEU A 60 -26.47 -3.57 16.69
N ARG A 61 -27.63 -4.14 17.02
CA ARG A 61 -27.78 -5.53 17.30
C ARG A 61 -27.98 -6.27 16.00
N ALA A 62 -27.18 -7.31 15.69
CA ALA A 62 -27.32 -8.02 14.41
C ALA A 62 -27.51 -9.50 14.68
N ASP A 63 -28.51 -10.10 14.04
CA ASP A 63 -28.74 -11.51 14.06
C ASP A 63 -27.77 -12.13 13.01
N MET A 64 -27.00 -13.10 13.45
CA MET A 64 -26.04 -13.77 12.60
C MET A 64 -26.67 -14.84 11.75
N TYR A 65 -25.90 -15.35 10.79
CA TYR A 65 -26.35 -16.42 9.85
C TYR A 65 -27.10 -17.47 10.63
N GLY A 66 -28.29 -17.80 10.17
CA GLY A 66 -29.01 -18.93 10.72
C GLY A 66 -29.67 -18.72 12.08
N HIS A 67 -29.74 -17.44 12.51
CA HIS A 67 -30.21 -17.06 13.83
C HIS A 67 -31.20 -15.96 13.70
N GLY A 68 -32.10 -15.96 14.69
CA GLY A 68 -33.03 -14.83 14.78
C GLY A 68 -33.79 -14.68 13.48
N LYS A 69 -33.88 -13.46 12.99
CA LYS A 69 -34.63 -13.20 11.74
C LYS A 69 -33.75 -13.08 10.55
N SER A 70 -32.51 -13.58 10.64
CA SER A 70 -31.64 -13.55 9.50
C SER A 70 -31.84 -14.76 8.59
N ASP A 71 -31.34 -14.65 7.34
CA ASP A 71 -31.34 -15.76 6.40
C ASP A 71 -30.40 -16.89 6.91
N GLY A 72 -30.51 -18.03 6.22
CA GLY A 72 -29.71 -19.22 6.45
C GLY A 72 -30.32 -20.10 7.48
N LYS A 73 -29.93 -21.38 7.45
CA LYS A 73 -30.38 -22.38 8.40
C LYS A 73 -29.34 -22.53 9.50
N PHE A 74 -29.82 -22.69 10.71
CA PHE A 74 -28.95 -22.85 11.85
C PHE A 74 -27.89 -23.92 11.58
N GLU A 75 -28.32 -25.01 10.97
CA GLU A 75 -27.41 -26.13 10.79
C GLU A 75 -26.22 -25.79 9.90
N ASP A 76 -26.36 -24.80 9.06
CA ASP A 76 -25.30 -24.48 8.09
C ASP A 76 -24.44 -23.34 8.61
N HIS A 77 -24.67 -22.85 9.81
CA HIS A 77 -23.81 -21.72 10.33
C HIS A 77 -22.49 -22.25 10.77
N THR A 78 -21.44 -21.40 10.68
CA THR A 78 -20.11 -21.72 11.17
C THR A 78 -19.57 -20.36 11.65
N LEU A 79 -18.47 -20.42 12.35
CA LEU A 79 -17.78 -19.19 12.80
C LEU A 79 -17.21 -18.39 11.63
N PHE A 80 -16.82 -19.05 10.53
CA PHE A 80 -16.34 -18.27 9.33
C PHE A 80 -17.55 -17.44 8.81
N LYS A 81 -18.73 -18.08 8.71
CA LYS A 81 -19.90 -17.29 8.27
C LYS A 81 -20.20 -16.13 9.21
N TRP A 82 -20.21 -16.38 10.51
CA TRP A 82 -20.41 -15.33 11.46
C TRP A 82 -19.36 -14.21 11.33
N LEU A 83 -18.10 -14.56 11.12
CA LEU A 83 -17.06 -13.50 11.07
C LEU A 83 -17.33 -12.69 9.77
N THR A 84 -17.67 -13.36 8.68
CA THR A 84 -18.10 -12.68 7.39
C THR A 84 -19.21 -11.68 7.66
N ASN A 85 -20.22 -12.20 8.37
CA ASN A 85 -21.39 -11.40 8.72
C ASN A 85 -20.99 -10.16 9.50
N ILE A 86 -20.17 -10.33 10.49
CA ILE A 86 -19.74 -9.19 11.31
C ILE A 86 -18.93 -8.18 10.54
N LEU A 87 -18.03 -8.61 9.65
CA LEU A 87 -17.31 -7.67 8.76
C LEU A 87 -18.34 -6.87 7.95
N ALA A 88 -19.42 -7.52 7.52
CA ALA A 88 -20.47 -6.81 6.76
C ALA A 88 -21.15 -5.77 7.60
N VAL A 89 -21.37 -6.10 8.87
CA VAL A 89 -22.08 -5.17 9.74
C VAL A 89 -21.11 -4.02 10.03
N VAL A 90 -19.83 -4.27 10.33
CA VAL A 90 -18.85 -3.18 10.50
C VAL A 90 -18.76 -2.29 9.24
N ASP A 91 -18.82 -2.88 8.07
CA ASP A 91 -18.72 -2.08 6.81
C ASP A 91 -19.95 -1.20 6.66
N TYR A 92 -21.09 -1.68 7.11
CA TYR A 92 -22.35 -0.90 7.06
C TYR A 92 -22.21 0.26 8.04
N ALA A 93 -21.78 -0.04 9.25
CA ALA A 93 -21.65 0.97 10.32
C ALA A 93 -20.67 2.10 9.96
N LYS A 94 -19.58 1.76 9.28
CA LYS A 94 -18.55 2.76 8.91
C LYS A 94 -19.12 3.80 7.89
N LYS A 95 -20.23 3.47 7.27
CA LYS A 95 -20.92 4.40 6.35
C LYS A 95 -21.98 5.27 6.98
N LEU A 96 -22.24 5.07 8.28
CA LEU A 96 -23.29 5.85 8.94
C LEU A 96 -22.69 7.20 9.31
N ASP A 97 -23.32 8.29 8.84
CA ASP A 97 -22.73 9.62 9.05
C ASP A 97 -22.63 10.06 10.51
N PHE A 98 -23.59 9.65 11.32
CA PHE A 98 -23.60 10.02 12.74
C PHE A 98 -22.54 9.35 13.58
N VAL A 99 -21.98 8.22 13.10
CA VAL A 99 -21.06 7.46 13.94
C VAL A 99 -19.74 8.18 14.16
N THR A 100 -19.34 8.23 15.42
CA THR A 100 -18.02 8.62 15.79
C THR A 100 -17.10 7.39 15.88
N ASP A 101 -16.99 6.82 17.06
CA ASP A 101 -16.21 5.61 17.27
C ASP A 101 -17.13 4.36 17.26
N ILE A 102 -16.55 3.20 16.88
CA ILE A 102 -17.32 1.95 16.87
C ILE A 102 -16.76 1.01 17.94
N TYR A 103 -17.64 0.37 18.69
CA TYR A 103 -17.27 -0.59 19.71
C TYR A 103 -17.91 -1.93 19.39
N MET A 104 -17.47 -3.00 20.06
CA MET A 104 -18.09 -4.29 19.92
C MET A 104 -18.37 -4.91 21.27
N ALA A 105 -19.49 -5.63 21.32
CA ALA A 105 -19.88 -6.45 22.52
C ALA A 105 -20.61 -7.69 22.01
N GLY A 106 -20.53 -8.78 22.75
CA GLY A 106 -21.18 -10.04 22.36
C GLY A 106 -21.26 -11.01 23.48
N HIS A 107 -22.27 -11.88 23.47
CA HIS A 107 -22.42 -12.91 24.49
C HIS A 107 -22.08 -14.30 23.98
N SER A 108 -21.27 -15.02 24.79
CA SER A 108 -20.99 -16.43 24.61
C SER A 108 -20.37 -16.71 23.22
N GLN A 109 -21.00 -17.46 22.33
CA GLN A 109 -20.44 -17.54 20.95
C GLN A 109 -20.29 -16.19 20.30
N GLY A 110 -21.16 -15.23 20.61
CA GLY A 110 -21.02 -13.85 20.15
C GLY A 110 -19.86 -13.12 20.77
N GLY A 111 -19.52 -13.52 21.99
CA GLY A 111 -18.41 -12.94 22.75
C GLY A 111 -17.11 -13.43 22.14
N LEU A 112 -17.02 -14.74 21.88
CA LEU A 112 -15.93 -15.25 21.07
C LEU A 112 -15.82 -14.53 19.72
N SER A 113 -16.95 -14.40 19.02
CA SER A 113 -16.97 -13.82 17.69
C SER A 113 -16.42 -12.39 17.67
N VAL A 114 -16.85 -11.55 18.64
CA VAL A 114 -16.28 -10.25 18.77
C VAL A 114 -14.81 -10.16 19.18
N MET A 115 -14.38 -11.10 20.03
CA MET A 115 -12.94 -11.20 20.25
C MET A 115 -12.16 -11.35 18.92
N LEU A 116 -12.65 -12.23 18.07
CA LEU A 116 -12.00 -12.50 16.82
C LEU A 116 -12.13 -11.32 15.87
N ALA A 117 -13.35 -10.80 15.68
CA ALA A 117 -13.62 -9.74 14.74
C ALA A 117 -12.91 -8.42 15.21
N ALA A 118 -12.92 -8.12 16.49
CA ALA A 118 -12.19 -6.93 17.02
C ALA A 118 -10.71 -6.92 16.64
N ALA A 119 -10.13 -8.09 16.73
CA ALA A 119 -8.73 -8.17 16.33
C ALA A 119 -8.57 -7.89 14.84
N MET A 120 -9.43 -8.46 14.01
CA MET A 120 -9.35 -8.28 12.58
C MET A 120 -9.64 -6.86 12.21
N GLU A 121 -10.37 -6.16 13.08
CA GLU A 121 -10.81 -4.76 12.91
C GLU A 121 -10.15 -3.83 13.95
N ARG A 122 -8.90 -4.11 14.30
CA ARG A 122 -8.31 -3.54 15.53
C ARG A 122 -8.03 -2.05 15.38
N ASP A 123 -7.90 -1.58 14.13
CA ASP A 123 -7.77 -0.17 13.81
C ASP A 123 -9.05 0.61 14.08
N ILE A 124 -10.21 -0.07 14.01
CA ILE A 124 -11.56 0.53 13.87
C ILE A 124 -12.28 0.42 15.20
N ILE A 125 -12.08 -0.67 15.91
CA ILE A 125 -12.89 -0.98 17.10
C ILE A 125 -12.19 -0.44 18.33
N LYS A 126 -12.84 0.52 19.00
CA LYS A 126 -12.16 1.28 20.02
C LYS A 126 -12.02 0.58 21.38
N ALA A 127 -13.01 -0.25 21.72
CA ALA A 127 -12.98 -1.12 22.88
C ALA A 127 -13.91 -2.32 22.65
N LEU A 128 -13.81 -3.32 23.52
CA LEU A 128 -14.38 -4.64 23.26
C LEU A 128 -14.95 -5.17 24.55
N ILE A 129 -16.15 -5.71 24.47
CA ILE A 129 -16.85 -6.30 25.62
C ILE A 129 -17.34 -7.73 25.38
N PRO A 130 -16.50 -8.72 25.68
CA PRO A 130 -16.98 -10.10 25.59
C PRO A 130 -17.71 -10.49 26.86
N LEU A 131 -18.97 -10.84 26.73
CA LEU A 131 -19.84 -11.23 27.85
C LEU A 131 -19.89 -12.78 27.91
N SER A 132 -19.29 -13.38 28.99
CA SER A 132 -19.20 -14.84 29.13
C SER A 132 -18.80 -15.49 27.80
N PRO A 133 -17.66 -15.03 27.26
CA PRO A 133 -17.34 -15.48 25.91
C PRO A 133 -17.04 -16.96 25.82
N ALA A 134 -17.58 -17.62 24.83
CA ALA A 134 -17.29 -19.05 24.62
C ALA A 134 -15.95 -19.22 23.94
N ALA A 135 -14.89 -18.65 24.52
CA ALA A 135 -13.59 -18.55 23.86
C ALA A 135 -12.86 -19.87 23.76
N MET A 136 -13.30 -20.87 24.50
CA MET A 136 -12.67 -22.22 24.40
C MET A 136 -13.27 -23.07 23.28
N ILE A 137 -14.30 -22.61 22.54
CA ILE A 137 -14.89 -23.49 21.51
C ILE A 137 -13.81 -24.09 20.60
N PRO A 138 -12.89 -23.27 20.04
CA PRO A 138 -11.89 -23.90 19.07
C PRO A 138 -11.00 -24.91 19.73
N GLU A 139 -10.49 -24.61 20.90
CA GLU A 139 -9.53 -25.57 21.55
C GLU A 139 -10.30 -26.85 21.88
N ILE A 140 -11.51 -26.71 22.41
CA ILE A 140 -12.27 -27.87 22.83
C ILE A 140 -12.73 -28.66 21.63
N ALA A 141 -13.03 -28.00 20.49
CA ALA A 141 -13.35 -28.69 19.28
C ALA A 141 -12.19 -29.56 18.79
N ARG A 142 -11.00 -29.05 18.98
CA ARG A 142 -9.77 -29.79 18.63
C ARG A 142 -9.60 -31.04 19.46
N THR A 143 -10.18 -31.04 20.65
CA THR A 143 -10.14 -32.19 21.58
C THR A 143 -11.29 -33.15 21.41
N GLY A 144 -12.30 -32.79 20.63
CA GLY A 144 -13.44 -33.65 20.31
C GLY A 144 -14.67 -33.36 21.15
N GLU A 145 -14.91 -32.11 21.55
CA GLU A 145 -16.19 -31.80 22.14
C GLU A 145 -16.74 -30.45 21.64
N LEU A 146 -18.07 -30.32 21.67
CA LEU A 146 -18.70 -29.06 21.40
C LEU A 146 -19.88 -28.95 22.34
N LEU A 147 -19.80 -28.02 23.27
CA LEU A 147 -20.90 -27.68 24.17
C LEU A 147 -21.50 -28.95 24.82
N GLY A 148 -20.66 -29.84 25.31
CA GLY A 148 -21.09 -31.09 25.97
C GLY A 148 -21.21 -32.35 25.11
N LEU A 149 -21.31 -32.22 23.79
CA LEU A 149 -21.28 -33.37 22.92
C LEU A 149 -19.88 -33.78 22.67
N LYS A 150 -19.59 -35.08 22.78
CA LYS A 150 -18.26 -35.62 22.54
C LYS A 150 -18.20 -36.46 21.28
N PHE A 151 -17.09 -36.36 20.54
CA PHE A 151 -16.95 -37.06 19.25
C PHE A 151 -15.48 -37.19 18.95
N ASP A 152 -15.15 -37.90 17.86
CA ASP A 152 -13.77 -38.10 17.43
C ASP A 152 -13.40 -36.85 16.64
N PRO A 153 -12.39 -36.11 17.15
CA PRO A 153 -12.07 -34.86 16.41
C PRO A 153 -11.40 -35.09 15.07
N GLU A 154 -10.98 -36.33 14.78
CA GLU A 154 -10.45 -36.71 13.52
C GLU A 154 -11.42 -37.51 12.65
N ASN A 155 -12.65 -37.73 13.11
CA ASN A 155 -13.69 -38.31 12.27
C ASN A 155 -14.99 -37.68 12.74
N ILE A 156 -15.05 -36.43 12.39
CA ILE A 156 -16.13 -35.54 12.87
C ILE A 156 -17.47 -36.02 12.28
N PRO A 157 -18.51 -36.05 13.10
CA PRO A 157 -19.77 -36.44 12.53
C PRO A 157 -20.32 -35.53 11.43
N ASP A 158 -21.13 -36.08 10.55
CA ASP A 158 -21.75 -35.25 9.51
C ASP A 158 -22.75 -34.26 10.14
N GLU A 159 -23.43 -34.70 11.19
CA GLU A 159 -24.45 -33.89 11.82
C GLU A 159 -24.49 -34.17 13.33
N LEU A 160 -24.68 -33.11 14.13
CA LEU A 160 -24.84 -33.16 15.56
C LEU A 160 -26.24 -32.69 15.86
N ASP A 161 -26.98 -33.43 16.70
CA ASP A 161 -28.40 -33.13 16.92
C ASP A 161 -28.56 -32.88 18.42
N ALA A 162 -28.87 -31.63 18.80
CA ALA A 162 -28.95 -31.26 20.21
C ALA A 162 -29.63 -29.87 20.29
N TRP A 163 -29.61 -29.27 21.46
CA TRP A 163 -30.08 -27.86 21.63
C TRP A 163 -31.54 -27.73 21.25
N ASP A 164 -32.44 -28.43 21.98
CA ASP A 164 -33.87 -28.23 21.68
C ASP A 164 -34.34 -28.41 20.25
N GLY A 165 -33.92 -29.50 19.68
CA GLY A 165 -34.38 -29.91 18.42
C GLY A 165 -33.71 -29.31 17.19
N ARG A 166 -32.47 -28.87 17.40
CA ARG A 166 -31.70 -28.28 16.31
C ARG A 166 -30.73 -29.34 15.79
N LYS A 167 -30.20 -29.05 14.61
CA LYS A 167 -29.23 -29.88 13.95
C LYS A 167 -28.04 -28.97 13.59
N LEU A 168 -26.86 -29.54 13.58
CA LEU A 168 -25.68 -28.77 13.23
C LEU A 168 -24.76 -29.63 12.36
N LYS A 169 -24.37 -29.14 11.19
CA LYS A 169 -23.41 -29.89 10.36
C LYS A 169 -22.04 -29.88 10.95
N GLY A 170 -21.28 -30.97 10.75
CA GLY A 170 -19.93 -31.05 11.33
C GLY A 170 -18.97 -30.06 10.72
N ASN A 171 -19.38 -29.40 9.65
CA ASN A 171 -18.58 -28.30 9.11
C ASN A 171 -18.34 -27.22 10.21
N TYR A 172 -19.33 -27.00 11.08
CA TYR A 172 -19.15 -26.05 12.20
C TYR A 172 -17.83 -26.43 12.93
N VAL A 173 -17.66 -27.71 13.26
CA VAL A 173 -16.47 -28.22 13.95
C VAL A 173 -15.18 -28.14 13.10
N ARG A 174 -15.29 -28.53 11.82
CA ARG A 174 -14.15 -28.40 10.89
C ARG A 174 -13.57 -27.00 10.86
N VAL A 175 -14.48 -26.01 10.85
CA VAL A 175 -14.10 -24.61 10.87
C VAL A 175 -13.54 -24.20 12.23
N ALA A 176 -14.25 -24.52 13.28
CA ALA A 176 -13.86 -24.11 14.62
C ALA A 176 -12.45 -24.58 14.98
N GLN A 177 -12.17 -25.80 14.61
CA GLN A 177 -10.88 -26.35 14.92
C GLN A 177 -9.70 -25.51 14.37
N THR A 178 -9.95 -24.73 13.30
CA THR A 178 -8.85 -24.00 12.64
C THR A 178 -8.43 -22.74 13.41
N ILE A 179 -9.28 -22.30 14.30
CA ILE A 179 -9.16 -20.95 14.88
C ILE A 179 -8.27 -20.97 16.08
N ARG A 180 -7.20 -20.16 16.01
CA ARG A 180 -6.28 -19.99 17.16
C ARG A 180 -6.63 -18.72 17.95
N VAL A 181 -7.54 -18.86 18.90
CA VAL A 181 -8.06 -17.69 19.65
C VAL A 181 -6.98 -16.81 20.21
N GLU A 182 -5.95 -17.47 20.74
CA GLU A 182 -4.86 -16.75 21.40
C GLU A 182 -4.18 -15.75 20.50
N ASP A 183 -4.12 -16.02 19.19
CA ASP A 183 -3.53 -15.08 18.20
C ASP A 183 -4.34 -13.78 18.18
N PHE A 184 -5.66 -13.95 18.18
CA PHE A 184 -6.57 -12.78 18.13
C PHE A 184 -6.54 -11.98 19.46
N VAL A 185 -6.42 -12.67 20.57
CA VAL A 185 -6.27 -11.99 21.86
C VAL A 185 -4.99 -11.13 21.84
N ASP A 186 -3.91 -11.74 21.38
CA ASP A 186 -2.66 -10.99 21.31
C ASP A 186 -2.71 -9.76 20.43
N LYS A 187 -3.51 -9.78 19.38
CA LYS A 187 -3.55 -8.68 18.45
C LYS A 187 -4.39 -7.51 18.91
N TYR A 188 -5.34 -7.72 19.83
CA TYR A 188 -6.23 -6.62 20.20
C TYR A 188 -5.77 -6.08 21.54
N THR A 189 -5.04 -4.97 21.44
CA THR A 189 -4.42 -4.32 22.63
C THR A 189 -5.16 -3.16 23.18
N LYS A 190 -6.33 -2.82 22.63
CA LYS A 190 -7.19 -1.73 23.10
C LYS A 190 -8.00 -2.24 24.31
N PRO A 191 -8.74 -1.36 24.98
CA PRO A 191 -9.42 -1.79 26.16
C PRO A 191 -10.48 -2.87 25.94
N VAL A 192 -10.45 -3.84 26.86
CA VAL A 192 -11.37 -4.95 26.93
C VAL A 192 -12.03 -5.08 28.30
N LEU A 193 -13.35 -5.35 28.30
CA LEU A 193 -14.06 -5.74 29.51
C LEU A 193 -14.67 -7.10 29.33
N ILE A 194 -14.14 -8.07 30.07
CA ILE A 194 -14.80 -9.41 30.10
C ILE A 194 -15.65 -9.48 31.32
N VAL A 195 -16.89 -9.91 31.14
CA VAL A 195 -17.82 -10.20 32.27
C VAL A 195 -18.13 -11.68 32.26
N HIS A 196 -18.20 -12.35 33.44
CA HIS A 196 -18.50 -13.74 33.47
C HIS A 196 -18.97 -14.14 34.86
N GLY A 197 -20.06 -14.91 34.89
CA GLY A 197 -20.66 -15.46 36.14
C GLY A 197 -19.83 -16.65 36.60
N ASP A 198 -19.51 -16.70 37.88
CA ASP A 198 -18.67 -17.79 38.36
C ASP A 198 -19.39 -19.13 38.58
N GLN A 199 -20.69 -19.20 38.38
CA GLN A 199 -21.41 -20.45 38.32
C GLN A 199 -21.96 -20.71 36.90
N ASP A 200 -21.22 -20.29 35.88
CA ASP A 200 -21.63 -20.47 34.49
C ASP A 200 -21.56 -21.95 34.16
N GLU A 201 -22.72 -22.51 33.84
CA GLU A 201 -22.91 -23.91 33.57
C GLU A 201 -22.56 -24.30 32.14
N ALA A 202 -22.29 -23.29 31.31
CA ALA A 202 -22.24 -23.51 29.86
C ALA A 202 -20.84 -23.37 29.36
N VAL A 203 -20.14 -22.34 29.82
CA VAL A 203 -18.74 -22.08 29.43
C VAL A 203 -17.94 -21.72 30.66
N PRO A 204 -16.77 -22.35 30.83
CA PRO A 204 -16.04 -22.26 32.07
C PRO A 204 -15.51 -20.89 32.39
N TYR A 205 -15.89 -20.39 33.57
CA TYR A 205 -15.39 -19.12 34.12
C TYR A 205 -13.87 -18.95 34.03
N GLU A 206 -13.10 -20.01 34.34
CA GLU A 206 -11.67 -19.90 34.47
C GLU A 206 -11.00 -19.60 33.14
N ALA A 207 -11.65 -19.95 32.03
CA ALA A 207 -11.07 -19.56 30.75
C ALA A 207 -11.07 -18.05 30.57
N SER A 208 -12.11 -17.39 31.07
CA SER A 208 -12.13 -15.94 31.03
C SER A 208 -11.12 -15.30 31.96
N VAL A 209 -10.91 -15.89 33.13
CA VAL A 209 -9.78 -15.48 33.96
C VAL A 209 -8.48 -15.55 33.16
N ALA A 210 -8.22 -16.67 32.47
CA ALA A 210 -7.00 -16.83 31.71
C ALA A 210 -6.88 -15.82 30.57
N PHE A 211 -7.94 -15.72 29.73
CA PHE A 211 -7.89 -14.76 28.63
C PHE A 211 -7.73 -13.31 29.13
N SER A 212 -8.35 -12.97 30.24
CA SER A 212 -8.22 -11.61 30.79
C SER A 212 -6.78 -11.26 31.13
N LYS A 213 -6.00 -12.25 31.50
CA LYS A 213 -4.59 -12.02 31.81
C LYS A 213 -3.75 -11.96 30.56
N GLN A 214 -4.20 -12.64 29.47
CA GLN A 214 -3.48 -12.60 28.23
C GLN A 214 -3.55 -11.26 27.49
N TYR A 215 -4.73 -10.63 27.53
CA TYR A 215 -4.95 -9.39 26.90
C TYR A 215 -4.01 -8.33 27.49
N LYS A 216 -3.59 -7.39 26.67
CA LYS A 216 -2.81 -6.22 27.11
C LYS A 216 -3.56 -5.36 28.09
N ASN A 217 -4.83 -5.11 27.82
CA ASN A 217 -5.60 -4.10 28.56
CA ASN A 217 -5.59 -4.19 28.63
C ASN A 217 -7.01 -4.68 28.83
N CYS A 218 -7.14 -5.65 29.71
CA CYS A 218 -8.45 -6.21 30.02
C CYS A 218 -8.80 -6.17 31.47
N LYS A 219 -9.99 -5.71 31.77
CA LYS A 219 -10.56 -5.88 33.10
C LYS A 219 -11.58 -6.99 33.11
N LEU A 220 -11.46 -7.86 34.12
CA LEU A 220 -12.41 -8.94 34.32
C LEU A 220 -13.38 -8.57 35.41
N VAL A 221 -14.66 -8.56 35.10
CA VAL A 221 -15.70 -8.45 36.09
C VAL A 221 -16.40 -9.77 36.32
N THR A 222 -16.28 -10.32 37.55
CA THR A 222 -16.84 -11.57 37.90
C THR A 222 -18.20 -11.31 38.50
N ILE A 223 -19.20 -12.06 38.05
CA ILE A 223 -20.52 -11.93 38.70
C ILE A 223 -20.66 -13.10 39.70
N PRO A 224 -20.59 -12.81 41.00
CA PRO A 224 -20.59 -13.95 41.93
C PRO A 224 -21.90 -14.72 41.92
N GLY A 225 -21.76 -16.05 41.79
CA GLY A 225 -22.86 -16.95 41.89
C GLY A 225 -23.76 -17.07 40.68
N ASP A 226 -23.42 -16.32 39.63
CA ASP A 226 -24.36 -16.16 38.52
C ASP A 226 -24.10 -17.12 37.35
N THR A 227 -25.15 -17.24 36.54
CA THR A 227 -25.28 -18.23 35.51
C THR A 227 -24.80 -17.65 34.15
N HIS A 228 -24.89 -18.50 33.17
CA HIS A 228 -24.43 -18.15 31.82
C HIS A 228 -25.11 -16.90 31.26
N CYS A 229 -26.42 -16.78 31.48
CA CYS A 229 -27.18 -15.61 31.00
C CYS A 229 -27.58 -14.66 32.11
N TYR A 230 -26.89 -14.77 33.24
CA TYR A 230 -27.06 -13.82 34.34
C TYR A 230 -28.50 -13.82 34.92
N ASP A 231 -28.94 -14.99 35.31
CA ASP A 231 -30.33 -15.18 35.80
C ASP A 231 -30.46 -14.40 37.11
N HIS A 232 -29.41 -14.36 37.92
CA HIS A 232 -29.52 -13.74 39.26
C HIS A 232 -29.16 -12.27 39.36
N HIS A 233 -28.16 -11.84 38.57
CA HIS A 233 -27.62 -10.50 38.74
C HIS A 233 -27.26 -9.79 37.46
N LEU A 234 -28.24 -9.78 36.55
CA LEU A 234 -28.10 -9.08 35.28
C LEU A 234 -27.76 -7.60 35.50
N GLU A 235 -28.30 -7.01 36.57
CA GLU A 235 -27.89 -5.62 36.89
C GLU A 235 -26.43 -5.37 37.18
N LEU A 236 -25.74 -6.38 37.70
CA LEU A 236 -24.34 -6.21 37.96
C LEU A 236 -23.59 -6.19 36.63
N VAL A 237 -24.09 -6.96 35.68
CA VAL A 237 -23.51 -6.93 34.32
C VAL A 237 -23.72 -5.56 33.65
N THR A 238 -24.94 -5.04 33.64
CA THR A 238 -25.15 -3.80 32.98
C THR A 238 -24.42 -2.67 33.71
N GLU A 239 -24.32 -2.73 35.04
CA GLU A 239 -23.52 -1.68 35.70
C GLU A 239 -22.03 -1.74 35.32
N ALA A 240 -21.54 -2.94 35.07
CA ALA A 240 -20.11 -3.03 34.73
C ALA A 240 -19.85 -2.48 33.30
N VAL A 241 -20.76 -2.82 32.41
CA VAL A 241 -20.72 -2.32 31.02
C VAL A 241 -20.84 -0.80 31.02
N LYS A 242 -21.76 -0.29 31.82
CA LYS A 242 -21.95 1.14 31.92
C LYS A 242 -20.72 1.89 32.41
N GLU A 243 -20.10 1.42 33.49
CA GLU A 243 -18.93 2.13 34.05
C GLU A 243 -17.72 2.09 33.11
N PHE A 244 -17.60 0.83 32.42
CA PHE A 244 -16.49 0.71 31.51
C PHE A 244 -16.63 1.61 30.32
N MET A 245 -17.85 1.64 29.78
CA MET A 245 -18.15 2.42 28.58
C MET A 245 -18.14 3.92 28.84
N LEU A 246 -18.60 4.32 30.01
CA LEU A 246 -18.46 5.76 30.40
C LEU A 246 -17.02 6.15 30.42
N GLU A 247 -16.12 5.29 30.94
CA GLU A 247 -14.69 5.55 30.90
CA GLU A 247 -14.68 5.50 30.90
C GLU A 247 -14.17 5.68 29.46
N GLN A 248 -14.67 4.86 28.51
CA GLN A 248 -14.16 4.94 27.18
C GLN A 248 -14.62 6.15 26.42
N ILE A 249 -15.89 6.51 26.58
CA ILE A 249 -16.48 7.55 25.76
C ILE A 249 -16.28 8.94 26.35
N ALA A 250 -15.84 9.02 27.59
CA ALA A 250 -15.76 10.35 28.24
C ALA A 250 -14.72 11.21 27.52
N LYS A 251 -15.05 12.48 27.32
CA LYS A 251 -14.27 13.35 26.44
C LYS A 251 -13.87 14.61 27.17
N SER B 1 -19.65 -35.18 -18.11
CA SER B 1 -21.11 -34.88 -18.30
C SER B 1 -21.52 -33.39 -18.40
N GLY B 2 -20.82 -32.39 -17.77
CA GLY B 2 -20.88 -30.97 -18.24
C GLY B 2 -21.00 -29.87 -17.19
N ALA B 3 -21.43 -28.67 -17.62
CA ALA B 3 -21.59 -27.52 -16.73
C ALA B 3 -22.73 -27.71 -15.73
N MET B 4 -22.51 -27.20 -14.52
CA MET B 4 -23.43 -27.32 -13.45
C MET B 4 -23.17 -26.17 -12.46
N TYR B 5 -24.02 -26.05 -11.48
CA TYR B 5 -23.75 -25.12 -10.39
C TYR B 5 -24.09 -25.77 -9.05
N ILE B 6 -23.40 -25.32 -8.02
CA ILE B 6 -23.58 -25.78 -6.68
C ILE B 6 -24.08 -24.58 -5.90
N ASP B 7 -25.24 -24.75 -5.28
CA ASP B 7 -25.78 -23.69 -4.43
C ASP B 7 -25.01 -23.59 -3.13
N CYS B 8 -24.67 -22.38 -2.71
CA CYS B 8 -24.00 -22.12 -1.40
C CYS B 8 -24.51 -20.74 -0.89
N ASP B 9 -25.23 -20.74 0.22
CA ASP B 9 -25.58 -19.47 0.91
C ASP B 9 -26.22 -18.49 -0.07
N GLY B 10 -27.06 -18.94 -0.92
CA GLY B 10 -27.78 -17.97 -1.76
C GLY B 10 -27.00 -17.44 -2.93
N ILE B 11 -25.81 -17.99 -3.18
CA ILE B 11 -25.11 -17.74 -4.40
C ILE B 11 -24.94 -19.09 -5.09
N LYS B 12 -24.51 -19.07 -6.35
CA LYS B 12 -24.28 -20.24 -7.16
C LYS B 12 -22.80 -20.33 -7.52
N LEU B 13 -22.20 -21.50 -7.31
CA LEU B 13 -20.81 -21.71 -7.69
C LEU B 13 -20.79 -22.45 -9.04
N ASN B 14 -20.24 -21.84 -10.05
CA ASN B 14 -20.16 -22.54 -11.32
C ASN B 14 -19.12 -23.71 -11.26
N ALA B 15 -19.44 -24.84 -11.88
CA ALA B 15 -18.52 -25.98 -11.91
C ALA B 15 -18.75 -26.78 -13.16
N TYR B 16 -17.84 -27.69 -13.41
CA TYR B 16 -18.00 -28.69 -14.45
C TYR B 16 -17.72 -30.04 -13.87
N LEU B 17 -18.57 -31.00 -14.21
CA LEU B 17 -18.35 -32.40 -13.89
C LEU B 17 -17.99 -33.12 -15.16
N ASP B 18 -16.83 -33.77 -15.14
CA ASP B 18 -16.36 -34.56 -16.30
C ASP B 18 -16.07 -35.92 -15.85
N MET B 19 -16.76 -36.87 -16.49
CA MET B 19 -16.53 -38.28 -16.24
C MET B 19 -15.49 -38.85 -17.17
N PRO B 20 -14.83 -39.90 -16.73
CA PRO B 20 -14.03 -40.66 -17.70
C PRO B 20 -14.93 -41.16 -18.87
N LYS B 21 -14.34 -41.27 -20.07
CA LYS B 21 -15.10 -41.45 -21.33
C LYS B 21 -15.99 -42.70 -21.35
N ASN B 22 -15.54 -43.74 -20.65
CA ASN B 22 -16.32 -44.97 -20.56
C ASN B 22 -17.55 -44.88 -19.64
N ASN B 23 -17.73 -43.75 -18.95
CA ASN B 23 -18.90 -43.58 -18.09
C ASN B 23 -19.03 -44.70 -17.05
N PRO B 24 -18.02 -44.81 -16.17
CA PRO B 24 -18.02 -45.84 -15.17
C PRO B 24 -19.10 -45.63 -14.09
N GLU B 25 -19.61 -46.74 -13.60
CA GLU B 25 -20.56 -46.77 -12.50
C GLU B 25 -19.95 -46.21 -11.20
N LYS B 26 -18.66 -46.47 -10.98
CA LYS B 26 -17.94 -46.11 -9.78
C LYS B 26 -16.53 -45.71 -10.18
N CYS B 27 -16.06 -44.56 -9.67
CA CYS B 27 -14.70 -44.11 -9.98
C CYS B 27 -14.34 -43.03 -8.97
N PRO B 28 -13.04 -42.75 -8.84
CA PRO B 28 -12.65 -41.65 -7.95
C PRO B 28 -12.96 -40.32 -8.59
N LEU B 29 -12.90 -39.26 -7.79
CA LEU B 29 -13.19 -37.95 -8.28
C LEU B 29 -12.13 -36.99 -7.75
N CYS B 30 -11.64 -36.08 -8.59
CA CYS B 30 -10.74 -35.00 -8.13
C CYS B 30 -11.44 -33.64 -8.24
N ILE B 31 -11.57 -32.96 -7.11
CA ILE B 31 -12.00 -31.56 -7.13
C ILE B 31 -10.84 -30.71 -7.58
N ILE B 32 -11.08 -29.79 -8.55
CA ILE B 32 -10.02 -28.95 -9.06
C ILE B 32 -10.43 -27.49 -8.96
N ILE B 33 -9.64 -26.73 -8.21
CA ILE B 33 -10.00 -25.35 -7.84
C ILE B 33 -9.00 -24.35 -8.48
N HIS B 34 -9.46 -23.58 -9.48
CA HIS B 34 -8.58 -22.68 -10.16
C HIS B 34 -8.31 -21.51 -9.19
N GLY B 35 -7.44 -20.62 -9.59
CA GLY B 35 -7.03 -19.49 -8.75
C GLY B 35 -7.93 -18.26 -8.88
N PHE B 36 -7.51 -17.19 -8.25
CA PHE B 36 -8.34 -16.04 -8.08
C PHE B 36 -8.69 -15.40 -9.44
N THR B 37 -7.68 -15.12 -10.25
CA THR B 37 -7.86 -14.44 -11.58
C THR B 37 -8.28 -15.37 -12.72
N GLY B 38 -8.31 -16.66 -12.46
CA GLY B 38 -8.40 -17.68 -13.52
C GLY B 38 -9.80 -18.17 -13.70
N HIS B 39 -9.88 -19.25 -14.50
CA HIS B 39 -11.17 -19.85 -14.79
C HIS B 39 -10.95 -21.31 -15.07
N SER B 40 -12.03 -22.08 -14.95
CA SER B 40 -11.95 -23.52 -15.05
C SER B 40 -11.63 -24.09 -16.44
N GLU B 41 -11.84 -23.24 -17.43
CA GLU B 41 -11.60 -23.63 -18.81
C GLU B 41 -10.20 -23.25 -19.27
N GLU B 42 -9.38 -22.68 -18.41
CA GLU B 42 -8.04 -22.28 -18.78
C GLU B 42 -7.12 -23.47 -19.07
N ARG B 43 -6.11 -23.25 -19.92
CA ARG B 43 -5.30 -24.38 -20.42
C ARG B 43 -4.64 -25.20 -19.36
N HIS B 44 -4.10 -24.55 -18.34
CA HIS B 44 -3.43 -25.25 -17.26
C HIS B 44 -4.41 -26.06 -16.39
N ILE B 45 -5.66 -25.67 -16.30
CA ILE B 45 -6.60 -26.50 -15.58
C ILE B 45 -7.14 -27.64 -16.46
N VAL B 46 -7.49 -27.31 -17.71
CA VAL B 46 -8.10 -28.33 -18.60
C VAL B 46 -7.11 -29.45 -18.84
N ALA B 47 -5.86 -29.09 -19.04
CA ALA B 47 -4.88 -30.16 -19.26
C ALA B 47 -4.84 -31.16 -18.13
N VAL B 48 -4.83 -30.67 -16.88
CA VAL B 48 -4.85 -31.53 -15.73
C VAL B 48 -6.18 -32.34 -15.68
N GLN B 49 -7.30 -31.69 -15.96
CA GLN B 49 -8.57 -32.35 -15.93
C GLN B 49 -8.64 -33.50 -16.95
N GLU B 50 -8.22 -33.23 -18.18
CA GLU B 50 -8.22 -34.24 -19.22
C GLU B 50 -7.30 -35.39 -18.86
N THR B 51 -6.15 -35.08 -18.28
CA THR B 51 -5.24 -36.13 -17.88
C THR B 51 -5.83 -37.08 -16.84
N LEU B 52 -6.56 -36.53 -15.87
CA LEU B 52 -7.14 -37.34 -14.86
C LEU B 52 -8.28 -38.20 -15.44
N ASN B 53 -9.10 -37.58 -16.28
CA ASN B 53 -10.25 -38.32 -16.89
C ASN B 53 -9.73 -39.54 -17.64
N GLU B 54 -8.57 -39.36 -18.27
CA GLU B 54 -7.90 -40.40 -19.12
C GLU B 54 -7.43 -41.59 -18.34
N ILE B 55 -7.15 -41.41 -17.04
CA ILE B 55 -6.77 -42.53 -16.15
C ILE B 55 -7.89 -43.04 -15.28
N GLY B 56 -9.12 -42.58 -15.56
CA GLY B 56 -10.32 -43.06 -14.93
C GLY B 56 -10.85 -42.28 -13.76
N VAL B 57 -10.30 -41.09 -13.59
CA VAL B 57 -10.65 -40.25 -12.46
C VAL B 57 -11.57 -39.13 -12.98
N ALA B 58 -12.80 -39.08 -12.42
CA ALA B 58 -13.76 -37.99 -12.74
C ALA B 58 -13.22 -36.71 -12.11
N THR B 59 -13.66 -35.58 -12.62
CA THR B 59 -13.18 -34.30 -12.12
C THR B 59 -14.37 -33.40 -11.88
N LEU B 60 -14.20 -32.53 -10.89
CA LEU B 60 -15.21 -31.49 -10.58
C LEU B 60 -14.43 -30.21 -10.47
N ARG B 61 -14.35 -29.48 -11.57
CA ARG B 61 -13.68 -28.18 -11.63
C ARG B 61 -14.67 -27.18 -11.07
N ALA B 62 -14.27 -26.32 -10.16
CA ALA B 62 -15.17 -25.41 -9.51
C ALA B 62 -14.58 -24.05 -9.23
N ASP B 63 -15.45 -23.03 -9.35
CA ASP B 63 -15.18 -21.73 -8.81
C ASP B 63 -15.31 -21.74 -7.29
N MET B 64 -14.37 -21.08 -6.64
CA MET B 64 -14.44 -20.92 -5.18
C MET B 64 -15.14 -19.65 -4.76
N TYR B 65 -15.77 -18.99 -5.71
CA TYR B 65 -16.56 -17.79 -5.40
C TYR B 65 -17.71 -17.71 -6.36
N GLY B 66 -18.71 -16.88 -6.03
CA GLY B 66 -19.87 -16.67 -6.92
C GLY B 66 -19.71 -15.67 -8.07
N ASP B 76 -15.87 -8.25 -2.56
CA ASP B 76 -15.34 -8.57 -1.21
C ASP B 76 -15.02 -10.04 -1.07
N HIS B 77 -13.99 -10.48 -1.77
CA HIS B 77 -13.49 -11.85 -1.61
C HIS B 77 -12.62 -11.97 -0.38
N THR B 78 -12.80 -13.08 0.36
CA THR B 78 -11.87 -13.43 1.44
C THR B 78 -11.65 -14.94 1.44
N LEU B 79 -10.59 -15.38 2.07
CA LEU B 79 -10.34 -16.82 2.27
C LEU B 79 -11.44 -17.50 3.12
N PHE B 80 -12.13 -16.76 3.99
CA PHE B 80 -13.25 -17.39 4.72
C PHE B 80 -14.38 -17.71 3.74
N LYS B 81 -14.69 -16.82 2.79
CA LYS B 81 -15.71 -17.11 1.78
C LYS B 81 -15.30 -18.25 0.91
N TRP B 82 -14.02 -18.22 0.48
CA TRP B 82 -13.58 -19.25 -0.46
C TRP B 82 -13.60 -20.63 0.17
N LEU B 83 -13.18 -20.71 1.42
CA LEU B 83 -13.13 -21.98 2.14
C LEU B 83 -14.54 -22.48 2.42
N THR B 84 -15.43 -21.56 2.81
CA THR B 84 -16.82 -21.92 2.93
C THR B 84 -17.36 -22.56 1.62
N ASN B 85 -17.07 -21.92 0.48
CA ASN B 85 -17.52 -22.39 -0.79
C ASN B 85 -16.92 -23.73 -1.16
N ILE B 86 -15.64 -23.88 -0.87
CA ILE B 86 -14.99 -25.18 -1.13
C ILE B 86 -15.58 -26.33 -0.24
N LEU B 87 -15.95 -26.07 1.01
CA LEU B 87 -16.69 -27.05 1.81
C LEU B 87 -18.04 -27.40 1.13
N ALA B 88 -18.70 -26.47 0.47
CA ALA B 88 -19.95 -26.74 -0.22
C ALA B 88 -19.69 -27.66 -1.39
N VAL B 89 -18.56 -27.45 -2.04
CA VAL B 89 -18.21 -28.26 -3.18
C VAL B 89 -17.93 -29.71 -2.73
N VAL B 90 -17.19 -29.85 -1.62
CA VAL B 90 -16.91 -31.13 -0.97
C VAL B 90 -18.22 -31.81 -0.61
N ASP B 91 -19.13 -31.09 0.02
CA ASP B 91 -20.41 -31.65 0.46
C ASP B 91 -21.24 -32.13 -0.74
N TYR B 92 -21.20 -31.40 -1.83
CA TYR B 92 -21.85 -31.80 -3.08
C TYR B 92 -21.26 -33.13 -3.60
N ALA B 93 -19.93 -33.15 -3.69
CA ALA B 93 -19.18 -34.33 -4.15
C ALA B 93 -19.43 -35.54 -3.30
N LYS B 94 -19.65 -35.36 -2.00
CA LYS B 94 -19.88 -36.50 -1.10
C LYS B 94 -21.21 -37.18 -1.39
N LYS B 95 -22.10 -36.49 -2.07
CA LYS B 95 -23.44 -37.03 -2.34
C LYS B 95 -23.52 -37.75 -3.69
N LEU B 96 -22.48 -37.64 -4.51
CA LEU B 96 -22.54 -38.24 -5.85
C LEU B 96 -22.38 -39.75 -5.75
N ASP B 97 -23.34 -40.50 -6.30
CA ASP B 97 -23.34 -41.94 -6.12
C ASP B 97 -22.18 -42.68 -6.77
N PHE B 98 -21.64 -42.18 -7.87
CA PHE B 98 -20.51 -42.89 -8.54
C PHE B 98 -19.21 -42.75 -7.77
N VAL B 99 -19.12 -41.82 -6.82
CA VAL B 99 -17.80 -41.51 -6.26
C VAL B 99 -17.27 -42.57 -5.28
N THR B 100 -16.03 -42.95 -5.45
CA THR B 100 -15.37 -43.79 -4.46
C THR B 100 -14.59 -42.88 -3.52
N ASP B 101 -13.37 -42.56 -3.91
CA ASP B 101 -12.49 -41.65 -3.15
C ASP B 101 -12.52 -40.24 -3.77
N ILE B 102 -12.28 -39.23 -2.90
CA ILE B 102 -12.24 -37.80 -3.32
C ILE B 102 -10.81 -37.24 -3.08
N TYR B 103 -10.29 -36.58 -4.11
CA TYR B 103 -8.97 -36.00 -4.20
C TYR B 103 -9.19 -34.52 -4.42
N MET B 104 -8.17 -33.70 -4.11
CA MET B 104 -8.25 -32.25 -4.28
C MET B 104 -6.99 -31.73 -4.95
N ALA B 105 -7.19 -30.85 -5.93
CA ALA B 105 -6.09 -30.14 -6.65
C ALA B 105 -6.49 -28.69 -6.81
N GLY B 106 -5.53 -27.79 -6.78
CA GLY B 106 -5.79 -26.37 -7.04
C GLY B 106 -4.54 -25.62 -7.47
N HIS B 107 -4.73 -24.52 -8.21
CA HIS B 107 -3.62 -23.72 -8.71
C HIS B 107 -3.59 -22.32 -8.07
N SER B 108 -2.42 -21.91 -7.67
CA SER B 108 -2.13 -20.52 -7.20
C SER B 108 -2.95 -20.17 -5.95
N GLN B 109 -3.84 -19.18 -6.03
CA GLN B 109 -4.65 -18.97 -4.82
C GLN B 109 -5.64 -20.11 -4.59
N GLY B 110 -6.00 -20.86 -5.64
CA GLY B 110 -6.75 -22.11 -5.49
C GLY B 110 -5.89 -23.19 -4.79
N GLY B 111 -4.58 -23.16 -5.07
CA GLY B 111 -3.63 -24.07 -4.41
C GLY B 111 -3.56 -23.80 -2.93
N LEU B 112 -3.40 -22.55 -2.55
CA LEU B 112 -3.45 -22.20 -1.14
C LEU B 112 -4.82 -22.69 -0.58
N SER B 113 -5.89 -22.40 -1.27
CA SER B 113 -7.20 -22.73 -0.71
C SER B 113 -7.40 -24.19 -0.49
N VAL B 114 -6.89 -25.04 -1.39
CA VAL B 114 -7.04 -26.47 -1.18
C VAL B 114 -6.08 -27.03 -0.15
N MET B 115 -4.93 -26.39 0.03
CA MET B 115 -4.07 -26.75 1.18
C MET B 115 -4.86 -26.57 2.49
N LEU B 116 -5.56 -25.44 2.58
CA LEU B 116 -6.36 -25.18 3.77
C LEU B 116 -7.54 -26.13 3.87
N ALA B 117 -8.29 -26.25 2.83
CA ALA B 117 -9.55 -27.05 2.85
C ALA B 117 -9.21 -28.52 3.07
N ALA B 118 -8.10 -29.02 2.50
CA ALA B 118 -7.80 -30.46 2.65
C ALA B 118 -7.54 -30.83 4.08
N ALA B 119 -6.95 -29.93 4.83
CA ALA B 119 -6.72 -30.14 6.28
C ALA B 119 -8.07 -30.17 6.99
N MET B 120 -8.95 -29.28 6.60
CA MET B 120 -10.27 -29.21 7.21
C MET B 120 -11.07 -30.45 6.88
N GLU B 121 -10.74 -31.07 5.74
CA GLU B 121 -11.40 -32.25 5.20
C GLU B 121 -10.46 -33.44 5.20
N ARG B 122 -9.60 -33.49 6.21
CA ARG B 122 -8.47 -34.44 6.18
C ARG B 122 -8.88 -35.90 6.20
N ASP B 123 -10.06 -36.19 6.75
CA ASP B 123 -10.63 -37.54 6.76
C ASP B 123 -11.20 -37.98 5.45
N ILE B 124 -11.57 -37.06 4.59
CA ILE B 124 -12.24 -37.28 3.33
C ILE B 124 -11.32 -37.25 2.11
N ILE B 125 -10.35 -36.35 2.12
CA ILE B 125 -9.53 -36.06 0.94
C ILE B 125 -8.31 -37.00 0.95
N LYS B 126 -8.31 -37.89 -0.02
CA LYS B 126 -7.34 -38.97 0.01
C LYS B 126 -5.91 -38.57 -0.35
N ALA B 127 -5.76 -37.60 -1.24
CA ALA B 127 -4.48 -37.01 -1.61
C ALA B 127 -4.72 -35.61 -2.16
N LEU B 128 -3.65 -34.81 -2.15
CA LEU B 128 -3.72 -33.35 -2.36
C LEU B 128 -2.64 -32.96 -3.41
N ILE B 129 -3.04 -32.12 -4.35
CA ILE B 129 -2.14 -31.65 -5.41
C ILE B 129 -2.20 -30.12 -5.51
N PRO B 130 -1.36 -29.44 -4.74
CA PRO B 130 -1.23 -27.98 -4.87
C PRO B 130 -0.32 -27.62 -6.01
N LEU B 131 -0.87 -26.93 -6.99
CA LEU B 131 -0.10 -26.50 -8.18
C LEU B 131 0.32 -25.03 -8.01
N SER B 132 1.65 -24.81 -7.87
CA SER B 132 2.18 -23.48 -7.63
C SER B 132 1.37 -22.69 -6.66
N PRO B 133 1.21 -23.27 -5.44
CA PRO B 133 0.27 -22.65 -4.53
C PRO B 133 0.78 -21.30 -4.04
N ALA B 134 -0.12 -20.33 -3.90
CA ALA B 134 0.21 -19.05 -3.41
C ALA B 134 0.13 -18.98 -1.91
N ALA B 135 0.88 -19.81 -1.26
CA ALA B 135 0.70 -20.13 0.14
C ALA B 135 1.39 -19.13 1.02
N MET B 136 2.13 -18.20 0.45
CA MET B 136 2.73 -17.12 1.29
C MET B 136 1.83 -15.93 1.54
N ILE B 137 0.64 -15.91 0.96
CA ILE B 137 -0.20 -14.74 1.05
C ILE B 137 -0.47 -14.33 2.48
N PRO B 138 -0.86 -15.29 3.37
CA PRO B 138 -1.09 -14.87 4.75
C PRO B 138 0.12 -14.20 5.42
N GLU B 139 1.31 -14.77 5.28
CA GLU B 139 2.47 -14.19 5.89
C GLU B 139 2.79 -12.76 5.31
N ILE B 140 2.70 -12.65 4.00
CA ILE B 140 2.96 -11.37 3.33
C ILE B 140 1.92 -10.38 3.82
N ALA B 141 0.64 -10.79 3.99
CA ALA B 141 -0.40 -9.88 4.47
C ALA B 141 -0.04 -9.38 5.88
N ARG B 142 0.57 -10.22 6.70
CA ARG B 142 0.97 -9.84 8.08
C ARG B 142 2.15 -8.86 8.09
N THR B 143 2.93 -8.82 6.99
CA THR B 143 4.00 -7.80 6.87
C THR B 143 3.48 -6.52 6.30
N GLY B 144 2.26 -6.52 5.84
CA GLY B 144 1.63 -5.29 5.36
C GLY B 144 1.94 -5.09 3.91
N GLU B 145 2.15 -6.17 3.19
CA GLU B 145 2.28 -6.10 1.75
C GLU B 145 1.23 -6.92 1.03
N LEU B 146 0.97 -6.46 -0.19
CA LEU B 146 0.14 -7.16 -1.14
C LEU B 146 0.52 -6.52 -2.45
N LEU B 147 1.12 -7.36 -3.30
CA LEU B 147 1.73 -6.98 -4.53
C LEU B 147 2.62 -5.78 -4.29
N GLY B 148 2.32 -4.68 -4.96
CA GLY B 148 3.18 -3.51 -4.89
C GLY B 148 2.81 -2.55 -3.79
N LEU B 149 1.83 -2.92 -2.97
CA LEU B 149 1.29 -2.01 -1.95
C LEU B 149 2.00 -2.29 -0.66
N LYS B 150 2.23 -1.25 0.15
CA LYS B 150 2.75 -1.38 1.48
C LYS B 150 1.86 -0.56 2.36
N PHE B 151 1.39 -1.19 3.42
CA PHE B 151 0.59 -0.54 4.46
C PHE B 151 1.11 -1.00 5.81
N ASP B 152 0.74 -0.27 6.87
CA ASP B 152 0.93 -0.71 8.24
C ASP B 152 0.01 -1.90 8.39
N PRO B 153 0.56 -3.04 8.83
CA PRO B 153 -0.30 -4.23 8.90
C PRO B 153 -1.40 -4.10 9.93
N GLU B 154 -1.34 -3.03 10.72
CA GLU B 154 -2.28 -2.74 11.75
C GLU B 154 -3.33 -1.75 11.32
N ASN B 155 -3.17 -1.12 10.13
CA ASN B 155 -4.08 -0.13 9.59
C ASN B 155 -4.35 -0.41 8.13
N ILE B 156 -5.31 -1.30 7.88
CA ILE B 156 -5.51 -1.84 6.55
C ILE B 156 -6.37 -0.91 5.71
N PRO B 157 -5.99 -0.64 4.46
CA PRO B 157 -6.84 0.20 3.58
C PRO B 157 -8.20 -0.40 3.23
N ASP B 158 -9.24 0.42 3.07
CA ASP B 158 -10.57 -0.10 2.75
C ASP B 158 -10.55 -0.81 1.40
N GLU B 159 -9.75 -0.29 0.47
CA GLU B 159 -9.70 -0.80 -0.89
CA GLU B 159 -9.71 -0.81 -0.89
C GLU B 159 -8.25 -1.00 -1.31
N LEU B 160 -8.00 -2.09 -1.98
CA LEU B 160 -6.69 -2.39 -2.44
C LEU B 160 -6.74 -2.70 -3.93
N ASP B 161 -5.93 -2.02 -4.73
CA ASP B 161 -5.75 -2.43 -6.13
C ASP B 161 -4.92 -3.72 -6.18
N ALA B 162 -5.45 -4.75 -6.84
CA ALA B 162 -4.93 -6.10 -6.66
C ALA B 162 -4.69 -6.88 -7.99
N TRP B 163 -4.43 -8.17 -7.82
CA TRP B 163 -4.12 -9.09 -8.93
C TRP B 163 -4.91 -8.81 -10.19
N ASP B 164 -4.17 -8.71 -11.30
CA ASP B 164 -4.76 -8.66 -12.66
C ASP B 164 -5.81 -7.55 -12.72
N GLY B 165 -5.46 -6.44 -12.05
CA GLY B 165 -6.27 -5.23 -12.03
C GLY B 165 -7.46 -5.26 -11.10
N ARG B 166 -7.64 -6.36 -10.36
CA ARG B 166 -8.89 -6.51 -9.59
C ARG B 166 -8.82 -5.68 -8.29
N LYS B 167 -9.94 -5.07 -7.97
CA LYS B 167 -10.05 -4.24 -6.80
C LYS B 167 -10.61 -5.14 -5.68
N LEU B 168 -9.89 -5.23 -4.56
CA LEU B 168 -10.30 -5.99 -3.38
C LEU B 168 -10.63 -5.05 -2.22
N LYS B 169 -11.53 -5.44 -1.35
CA LYS B 169 -11.68 -4.79 -0.09
C LYS B 169 -10.58 -5.23 0.88
N GLY B 170 -10.32 -4.37 1.84
CA GLY B 170 -9.42 -4.65 2.93
C GLY B 170 -9.76 -5.92 3.70
N ASN B 171 -11.03 -6.32 3.66
CA ASN B 171 -11.40 -7.55 4.38
C ASN B 171 -10.52 -8.75 3.90
N TYR B 172 -10.12 -8.76 2.65
CA TYR B 172 -9.23 -9.86 2.18
C TYR B 172 -8.08 -9.96 3.04
N VAL B 173 -7.41 -8.84 3.33
CA VAL B 173 -6.20 -8.85 4.15
C VAL B 173 -6.48 -9.16 5.60
N ARG B 174 -7.54 -8.54 6.10
CA ARG B 174 -7.94 -8.73 7.49
C ARG B 174 -8.14 -10.21 7.80
N VAL B 175 -8.83 -10.88 6.88
CA VAL B 175 -8.99 -12.37 6.96
C VAL B 175 -7.66 -13.12 6.73
N ALA B 176 -6.96 -12.78 5.68
CA ALA B 176 -5.71 -13.50 5.37
C ALA B 176 -4.69 -13.47 6.51
N GLN B 177 -4.56 -12.35 7.20
CA GLN B 177 -3.65 -12.21 8.29
C GLN B 177 -3.84 -13.26 9.38
N THR B 178 -5.08 -13.75 9.52
CA THR B 178 -5.43 -14.70 10.60
C THR B 178 -4.98 -16.13 10.29
N ILE B 179 -4.72 -16.41 9.01
CA ILE B 179 -4.49 -17.82 8.60
C ILE B 179 -3.04 -18.25 8.83
N ARG B 180 -2.85 -19.28 9.67
CA ARG B 180 -1.53 -19.84 9.92
C ARG B 180 -1.39 -21.08 9.02
N VAL B 181 -0.85 -20.91 7.82
CA VAL B 181 -0.82 -21.97 6.81
C VAL B 181 -0.16 -23.19 7.36
N GLU B 182 0.91 -22.95 8.07
CA GLU B 182 1.74 -24.06 8.66
C GLU B 182 0.89 -25.00 9.54
N ASP B 183 -0.14 -24.50 10.22
CA ASP B 183 -1.06 -25.35 11.02
C ASP B 183 -1.85 -26.32 10.14
N PHE B 184 -2.31 -25.85 8.98
CA PHE B 184 -3.02 -26.67 8.02
C PHE B 184 -2.09 -27.67 7.33
N VAL B 185 -0.84 -27.28 7.04
CA VAL B 185 0.13 -28.25 6.49
C VAL B 185 0.33 -29.35 7.52
N ASP B 186 0.56 -28.97 8.79
CA ASP B 186 0.83 -29.99 9.83
C ASP B 186 -0.29 -30.99 9.99
N LYS B 187 -1.55 -30.56 9.74
CA LYS B 187 -2.65 -31.43 9.91
C LYS B 187 -3.04 -32.35 8.76
N TYR B 188 -2.45 -32.15 7.57
CA TYR B 188 -2.73 -33.00 6.41
C TYR B 188 -1.54 -33.89 6.20
N THR B 189 -1.66 -35.12 6.68
CA THR B 189 -0.49 -36.05 6.67
C THR B 189 -0.56 -37.08 5.58
N LYS B 190 -1.62 -37.05 4.79
CA LYS B 190 -1.80 -37.92 3.60
C LYS B 190 -0.94 -37.44 2.44
N PRO B 191 -0.87 -38.22 1.36
CA PRO B 191 0.03 -37.84 0.30
C PRO B 191 -0.30 -36.49 -0.39
N VAL B 192 0.75 -35.72 -0.64
CA VAL B 192 0.69 -34.47 -1.33
C VAL B 192 1.70 -34.49 -2.48
N LEU B 193 1.32 -33.91 -3.59
CA LEU B 193 2.18 -33.59 -4.74
C LEU B 193 2.16 -32.11 -4.96
N ILE B 194 3.26 -31.43 -4.69
CA ILE B 194 3.35 -30.04 -5.05
C ILE B 194 4.11 -29.95 -6.35
N VAL B 195 3.59 -29.19 -7.28
CA VAL B 195 4.21 -28.88 -8.58
C VAL B 195 4.53 -27.40 -8.66
N HIS B 196 5.73 -27.00 -9.11
CA HIS B 196 6.04 -25.60 -9.20
C HIS B 196 7.16 -25.37 -10.23
N GLY B 197 7.04 -24.37 -11.08
CA GLY B 197 8.11 -24.00 -12.02
C GLY B 197 9.18 -23.24 -11.29
N ASP B 198 10.44 -23.50 -11.65
CA ASP B 198 11.56 -22.84 -10.96
C ASP B 198 11.92 -21.45 -11.53
N GLN B 199 11.15 -20.97 -12.50
CA GLN B 199 11.21 -19.57 -12.95
C GLN B 199 9.87 -18.89 -12.79
N ASP B 200 9.18 -19.26 -11.73
CA ASP B 200 7.89 -18.65 -11.42
C ASP B 200 8.06 -17.20 -11.00
N GLU B 201 7.47 -16.31 -11.80
CA GLU B 201 7.59 -14.87 -11.53
CA GLU B 201 7.51 -14.87 -11.63
C GLU B 201 6.49 -14.35 -10.61
N ALA B 202 5.56 -15.20 -10.20
CA ALA B 202 4.43 -14.73 -9.37
C ALA B 202 4.53 -15.22 -7.95
N VAL B 203 4.87 -16.48 -7.79
CA VAL B 203 5.01 -17.10 -6.50
C VAL B 203 6.34 -17.78 -6.42
N PRO B 204 7.17 -17.44 -5.43
CA PRO B 204 8.52 -18.03 -5.41
C PRO B 204 8.55 -19.54 -5.24
N TYR B 205 9.24 -20.18 -6.15
CA TYR B 205 9.48 -21.58 -6.09
C TYR B 205 9.97 -22.08 -4.72
N GLU B 206 10.82 -21.28 -4.09
CA GLU B 206 11.40 -21.72 -2.83
CA GLU B 206 11.42 -21.62 -2.81
C GLU B 206 10.38 -21.87 -1.71
N ALA B 207 9.26 -21.17 -1.81
CA ALA B 207 8.17 -21.38 -0.88
C ALA B 207 7.61 -22.82 -0.90
N SER B 208 7.56 -23.34 -2.12
CA SER B 208 7.07 -24.71 -2.31
C SER B 208 8.11 -25.71 -1.85
N VAL B 209 9.40 -25.37 -2.04
CA VAL B 209 10.42 -26.19 -1.43
C VAL B 209 10.19 -26.32 0.05
N ALA B 210 10.02 -25.19 0.73
CA ALA B 210 9.90 -25.23 2.16
C ALA B 210 8.64 -26.01 2.64
N PHE B 211 7.51 -25.73 2.04
CA PHE B 211 6.25 -26.41 2.36
C PHE B 211 6.30 -27.92 2.05
N SER B 212 7.06 -28.29 1.01
CA SER B 212 7.31 -29.69 0.74
C SER B 212 8.07 -30.43 1.81
N LYS B 213 8.97 -29.75 2.51
CA LYS B 213 9.74 -30.34 3.57
C LYS B 213 8.90 -30.38 4.85
N GLN B 214 7.91 -29.49 5.00
CA GLN B 214 7.13 -29.49 6.21
C GLN B 214 6.05 -30.54 6.20
N TYR B 215 5.38 -30.71 5.07
CA TYR B 215 4.42 -31.82 4.97
C TYR B 215 5.10 -33.12 5.39
N LYS B 216 4.34 -34.00 6.06
CA LYS B 216 4.82 -35.36 6.39
C LYS B 216 5.08 -36.21 5.15
N ASN B 217 4.25 -36.08 4.10
CA ASN B 217 4.32 -36.97 2.95
C ASN B 217 4.08 -36.16 1.68
N CYS B 218 5.10 -35.43 1.23
CA CYS B 218 4.99 -34.58 0.06
C CYS B 218 6.08 -34.83 -0.88
N LYS B 219 5.73 -34.96 -2.15
CA LYS B 219 6.68 -34.96 -3.23
C LYS B 219 6.63 -33.66 -3.92
N LEU B 220 7.80 -33.03 -4.12
CA LEU B 220 7.85 -31.81 -4.90
C LEU B 220 8.34 -32.14 -6.30
N VAL B 221 7.57 -31.72 -7.30
CA VAL B 221 7.99 -31.85 -8.68
C VAL B 221 8.28 -30.47 -9.20
N THR B 222 9.52 -30.25 -9.65
CA THR B 222 9.97 -28.99 -10.11
C THR B 222 9.90 -29.01 -11.60
N ILE B 223 9.29 -27.99 -12.20
CA ILE B 223 9.21 -27.84 -13.69
C ILE B 223 10.33 -26.90 -14.12
N PRO B 224 11.42 -27.47 -14.67
CA PRO B 224 12.59 -26.60 -14.90
C PRO B 224 12.32 -25.52 -15.95
N GLY B 225 12.66 -24.27 -15.63
CA GLY B 225 12.48 -23.13 -16.50
C GLY B 225 11.11 -22.49 -16.61
N ASP B 226 10.09 -23.04 -15.90
CA ASP B 226 8.75 -22.73 -16.24
C ASP B 226 8.12 -21.72 -15.29
N THR B 227 7.00 -21.19 -15.76
CA THR B 227 6.43 -19.97 -15.27
C THR B 227 5.27 -20.38 -14.35
N HIS B 228 4.56 -19.37 -13.86
CA HIS B 228 3.50 -19.63 -12.89
C HIS B 228 2.39 -20.50 -13.45
N CYS B 229 2.04 -20.33 -14.71
CA CYS B 229 0.96 -21.09 -15.36
C CYS B 229 1.49 -22.10 -16.37
N TYR B 230 2.77 -22.42 -16.23
CA TYR B 230 3.39 -23.51 -16.97
C TYR B 230 3.29 -23.17 -18.49
N ASP B 231 3.72 -21.97 -18.86
CA ASP B 231 3.64 -21.56 -20.30
C ASP B 231 4.47 -22.45 -21.18
N HIS B 232 5.58 -22.93 -20.65
CA HIS B 232 6.54 -23.72 -21.49
C HIS B 232 6.42 -25.21 -21.47
N HIS B 233 6.11 -25.82 -20.31
CA HIS B 233 6.09 -27.23 -20.14
C HIS B 233 4.92 -27.77 -19.30
N LEU B 234 3.74 -27.33 -19.71
CA LEU B 234 2.52 -27.91 -19.14
C LEU B 234 2.48 -29.45 -19.19
N GLU B 235 3.08 -30.06 -20.22
CA GLU B 235 3.08 -31.49 -20.33
C GLU B 235 3.89 -32.22 -19.23
N LEU B 236 4.87 -31.52 -18.65
CA LEU B 236 5.61 -32.07 -17.54
C LEU B 236 4.76 -32.09 -16.24
N VAL B 237 3.93 -31.06 -16.14
CA VAL B 237 2.92 -30.98 -15.07
C VAL B 237 1.95 -32.16 -15.15
N THR B 238 1.30 -32.30 -16.30
CA THR B 238 0.32 -33.39 -16.45
C THR B 238 0.95 -34.78 -16.28
N GLU B 239 2.18 -34.99 -16.78
CA GLU B 239 2.84 -36.25 -16.54
C GLU B 239 3.08 -36.57 -15.08
N ALA B 240 3.46 -35.54 -14.28
CA ALA B 240 3.68 -35.75 -12.88
C ALA B 240 2.38 -36.09 -12.15
N VAL B 241 1.33 -35.35 -12.49
CA VAL B 241 0.02 -35.57 -11.90
C VAL B 241 -0.48 -37.00 -12.25
N LYS B 242 -0.34 -37.37 -13.50
CA LYS B 242 -0.70 -38.75 -13.94
C LYS B 242 0.06 -39.81 -13.14
N GLU B 243 1.36 -39.67 -12.99
CA GLU B 243 2.13 -40.69 -12.28
CA GLU B 243 2.13 -40.69 -12.29
C GLU B 243 1.73 -40.79 -10.82
N PHE B 244 1.53 -39.62 -10.17
CA PHE B 244 1.19 -39.61 -8.77
C PHE B 244 -0.17 -40.17 -8.55
N MET B 245 -1.12 -39.78 -9.39
CA MET B 245 -2.52 -40.22 -9.20
C MET B 245 -2.72 -41.72 -9.53
N LEU B 246 -1.92 -42.24 -10.47
CA LEU B 246 -1.94 -43.72 -10.67
C LEU B 246 -1.42 -44.46 -9.47
N GLU B 247 -0.37 -43.93 -8.85
CA GLU B 247 0.07 -44.46 -7.60
C GLU B 247 -1.01 -44.43 -6.50
N GLN B 248 -1.72 -43.32 -6.41
CA GLN B 248 -2.67 -43.22 -5.35
C GLN B 248 -3.89 -44.12 -5.59
N ILE B 249 -4.39 -44.19 -6.82
CA ILE B 249 -5.62 -44.98 -7.06
C ILE B 249 -5.32 -46.49 -6.97
N ALA B 250 -4.06 -46.84 -7.06
CA ALA B 250 -3.54 -48.21 -6.84
C ALA B 250 -3.46 -48.60 -5.38
N LYS B 251 -3.60 -47.64 -4.46
CA LYS B 251 -3.73 -47.92 -3.01
C LYS B 251 -5.25 -47.82 -2.63
N SER C 1 -7.32 40.49 0.80
CA SER C 1 -8.25 40.58 -0.38
C SER C 1 -8.94 39.27 -0.98
N GLY C 2 -8.22 38.24 -1.49
CA GLY C 2 -8.97 37.12 -2.12
C GLY C 2 -8.34 35.75 -2.42
N ALA C 3 -9.12 34.86 -3.06
CA ALA C 3 -8.61 33.58 -3.58
C ALA C 3 -8.34 33.69 -5.07
N MET C 4 -7.34 32.94 -5.52
CA MET C 4 -6.93 32.99 -6.88
C MET C 4 -6.28 31.65 -7.26
N TYR C 5 -6.04 31.43 -8.55
CA TYR C 5 -5.24 30.32 -9.04
CA TYR C 5 -5.19 30.32 -9.04
C TYR C 5 -3.94 30.85 -9.63
N ILE C 6 -2.82 30.30 -9.20
CA ILE C 6 -1.55 30.52 -9.80
C ILE C 6 -1.21 29.34 -10.67
N ASP C 7 -1.01 29.56 -11.97
CA ASP C 7 -0.74 28.47 -12.92
C ASP C 7 0.70 27.99 -12.68
N CYS C 8 0.87 26.68 -12.64
CA CYS C 8 2.19 26.08 -12.64
C CYS C 8 2.17 25.01 -13.73
N ASP C 9 2.46 25.44 -14.97
CA ASP C 9 2.47 24.57 -16.10
C ASP C 9 1.19 23.85 -16.19
N GLY C 10 0.07 24.56 -16.14
CA GLY C 10 -1.18 23.79 -16.24
C GLY C 10 -1.74 23.18 -14.95
N ILE C 11 -0.91 22.84 -13.95
CA ILE C 11 -1.41 22.58 -12.59
C ILE C 11 -1.82 23.92 -11.95
N LYS C 12 -3.11 24.06 -11.67
CA LYS C 12 -3.53 25.26 -10.99
C LYS C 12 -3.35 25.16 -9.48
N LEU C 13 -2.71 26.15 -8.90
CA LEU C 13 -2.48 26.24 -7.45
C LEU C 13 -3.48 27.26 -6.86
N ASN C 14 -4.30 26.75 -5.94
CA ASN C 14 -5.21 27.61 -5.19
C ASN C 14 -4.35 28.42 -4.20
N ALA C 15 -4.63 29.70 -4.14
CA ALA C 15 -3.88 30.52 -3.18
C ALA C 15 -4.76 31.62 -2.63
N TYR C 16 -4.42 32.05 -1.43
CA TYR C 16 -5.19 33.14 -0.79
C TYR C 16 -4.29 34.30 -0.52
N LEU C 17 -4.67 35.50 -1.01
CA LEU C 17 -3.90 36.69 -0.76
C LEU C 17 -4.68 37.47 0.26
N ASP C 18 -4.08 37.75 1.40
CA ASP C 18 -4.71 38.61 2.41
C ASP C 18 -3.82 39.79 2.67
N MET C 19 -4.45 40.98 2.65
CA MET C 19 -3.72 42.21 2.81
C MET C 19 -3.92 42.72 4.22
N PRO C 20 -2.98 43.52 4.70
CA PRO C 20 -3.26 44.22 5.97
C PRO C 20 -4.54 45.06 5.83
N LYS C 21 -5.28 45.16 6.94
CA LYS C 21 -6.60 45.81 6.98
C LYS C 21 -6.61 47.21 6.41
N ASN C 22 -5.51 47.94 6.58
CA ASN C 22 -5.46 49.33 6.10
C ASN C 22 -5.16 49.43 4.63
N ASN C 23 -5.03 48.28 3.94
CA ASN C 23 -4.72 48.18 2.49
C ASN C 23 -3.64 49.12 2.03
N PRO C 24 -2.41 48.92 2.52
CA PRO C 24 -1.34 49.84 2.18
C PRO C 24 -0.93 49.70 0.73
N GLU C 25 -0.38 50.76 0.15
CA GLU C 25 0.08 50.74 -1.23
C GLU C 25 1.34 49.87 -1.40
N LYS C 26 2.14 49.78 -0.35
CA LYS C 26 3.36 48.98 -0.34
C LYS C 26 3.48 48.30 0.99
N CYS C 27 3.75 46.99 0.98
CA CYS C 27 3.99 46.29 2.22
C CYS C 27 4.76 44.97 1.91
N PRO C 28 5.32 44.34 2.96
CA PRO C 28 5.90 43.02 2.72
C PRO C 28 4.86 41.94 2.50
N LEU C 29 5.36 40.80 1.99
CA LEU C 29 4.53 39.63 1.73
C LEU C 29 5.20 38.38 2.28
N CYS C 30 4.43 37.59 3.02
CA CYS C 30 4.91 36.26 3.45
C CYS C 30 4.16 35.19 2.72
N ILE C 31 4.87 34.27 2.05
CA ILE C 31 4.30 33.07 1.48
C ILE C 31 4.26 31.99 2.59
N ILE C 32 3.11 31.32 2.70
CA ILE C 32 2.88 30.35 3.78
C ILE C 32 2.47 29.01 3.18
N ILE C 33 3.23 27.95 3.51
CA ILE C 33 3.04 26.62 2.99
C ILE C 33 2.69 25.59 4.05
N HIS C 34 1.56 24.91 3.83
CA HIS C 34 1.02 23.93 4.75
C HIS C 34 1.82 22.59 4.66
N GLY C 35 1.39 21.62 5.48
CA GLY C 35 2.10 20.34 5.59
C GLY C 35 1.41 19.20 4.78
N PHE C 36 1.93 18.01 4.90
CA PHE C 36 1.51 16.80 4.21
C PHE C 36 0.13 16.38 4.65
N THR C 37 -0.76 16.23 3.69
CA THR C 37 -2.24 16.09 3.92
C THR C 37 -2.97 17.38 4.34
N GLY C 38 -2.25 18.46 4.61
CA GLY C 38 -2.83 19.71 5.09
C GLY C 38 -3.30 20.60 3.97
N HIS C 39 -3.67 21.82 4.38
CA HIS C 39 -4.16 22.78 3.44
C HIS C 39 -4.17 24.17 4.10
N SER C 40 -4.43 25.19 3.29
CA SER C 40 -4.24 26.58 3.67
C SER C 40 -5.27 27.13 4.64
N GLU C 41 -6.35 26.38 4.83
CA GLU C 41 -7.38 26.83 5.79
C GLU C 41 -7.29 26.22 7.18
N GLU C 42 -6.24 25.46 7.47
CA GLU C 42 -6.12 24.86 8.77
C GLU C 42 -5.87 25.91 9.87
N ARG C 43 -6.32 25.58 11.09
CA ARG C 43 -6.29 26.47 12.22
C ARG C 43 -4.94 27.15 12.44
N HIS C 44 -3.85 26.36 12.47
CA HIS C 44 -2.53 26.90 12.75
C HIS C 44 -1.99 27.78 11.60
N ILE C 45 -2.38 27.46 10.38
CA ILE C 45 -2.05 28.29 9.20
C ILE C 45 -2.72 29.64 9.23
N VAL C 46 -4.04 29.57 9.51
CA VAL C 46 -4.81 30.81 9.59
C VAL C 46 -4.35 31.69 10.70
N ALA C 47 -3.99 31.14 11.87
CA ALA C 47 -3.57 31.96 12.98
C ALA C 47 -2.28 32.70 12.68
N VAL C 48 -1.37 32.04 12.02
CA VAL C 48 -0.14 32.68 11.58
C VAL C 48 -0.39 33.76 10.54
N GLN C 49 -1.22 33.43 9.56
CA GLN C 49 -1.62 34.38 8.56
C GLN C 49 -2.25 35.66 9.17
N GLU C 50 -3.10 35.47 10.15
CA GLU C 50 -3.85 36.60 10.72
C GLU C 50 -2.89 37.45 11.50
N THR C 51 -1.96 36.83 12.23
CA THR C 51 -0.97 37.57 12.96
C THR C 51 -0.09 38.43 12.08
N LEU C 52 0.39 37.87 10.96
CA LEU C 52 1.17 38.59 9.99
C LEU C 52 0.38 39.75 9.44
N ASN C 53 -0.86 39.50 9.03
CA ASN C 53 -1.70 40.60 8.51
C ASN C 53 -1.84 41.74 9.55
N GLU C 54 -1.96 41.34 10.81
CA GLU C 54 -2.15 42.37 11.87
C GLU C 54 -0.97 43.32 12.04
N ILE C 55 0.25 42.86 11.78
CA ILE C 55 1.45 43.68 11.89
C ILE C 55 1.86 44.35 10.56
N GLY C 56 1.00 44.25 9.54
CA GLY C 56 1.19 44.91 8.26
C GLY C 56 1.89 44.13 7.15
N VAL C 57 1.87 42.83 7.31
CA VAL C 57 2.46 41.90 6.33
C VAL C 57 1.35 41.17 5.59
N ALA C 58 1.31 41.44 4.28
CA ALA C 58 0.44 40.68 3.40
C ALA C 58 0.87 39.20 3.44
N THR C 59 -0.08 38.33 3.17
CA THR C 59 0.21 36.88 3.13
C THR C 59 -0.33 36.23 1.87
N LEU C 60 0.42 35.21 1.42
CA LEU C 60 0.01 34.43 0.27
C LEU C 60 0.07 32.99 0.73
N ARG C 61 -1.10 32.43 1.10
CA ARG C 61 -1.18 31.04 1.53
C ARG C 61 -1.41 30.27 0.24
N ALA C 62 -0.60 29.25 -0.03
CA ALA C 62 -0.78 28.47 -1.23
C ALA C 62 -0.94 27.00 -0.93
N ASP C 63 -1.95 26.40 -1.56
CA ASP C 63 -2.17 24.96 -1.56
C ASP C 63 -1.24 24.33 -2.57
N MET C 64 -0.43 23.40 -2.09
CA MET C 64 0.50 22.71 -2.93
C MET C 64 -0.19 21.61 -3.77
N TYR C 65 0.56 21.06 -4.68
CA TYR C 65 0.09 19.99 -5.56
C TYR C 65 -0.60 18.91 -4.71
N GLY C 66 -1.81 18.48 -5.12
CA GLY C 66 -2.44 17.37 -4.49
C GLY C 66 -3.06 17.66 -3.16
N HIS C 67 -3.10 18.95 -2.79
CA HIS C 67 -3.60 19.43 -1.54
C HIS C 67 -4.60 20.52 -1.66
N GLY C 68 -5.45 20.59 -0.63
CA GLY C 68 -6.42 21.68 -0.57
C GLY C 68 -7.20 21.73 -1.84
N LYS C 69 -7.38 22.91 -2.38
CA LYS C 69 -8.16 23.09 -3.61
C LYS C 69 -7.29 23.20 -4.85
N SER C 70 -6.04 22.77 -4.76
CA SER C 70 -5.22 22.76 -5.96
C SER C 70 -5.44 21.49 -6.80
N ASP C 71 -5.01 21.57 -8.05
CA ASP C 71 -4.99 20.42 -8.95
C ASP C 71 -4.04 19.36 -8.45
N GLY C 72 -4.16 18.19 -9.06
CA GLY C 72 -3.34 17.03 -8.76
C GLY C 72 -3.92 16.17 -7.65
N LYS C 73 -3.63 14.88 -7.67
CA LYS C 73 -4.01 13.96 -6.63
C LYS C 73 -2.91 13.88 -5.58
N PHE C 74 -3.30 13.75 -4.33
CA PHE C 74 -2.40 13.59 -3.21
C PHE C 74 -1.32 12.52 -3.50
N GLU C 75 -1.76 11.41 -4.00
CA GLU C 75 -0.86 10.28 -4.21
C GLU C 75 0.28 10.60 -5.20
N ASP C 76 0.09 11.56 -6.10
CA ASP C 76 1.04 11.92 -7.10
C ASP C 76 1.95 13.10 -6.65
N HIS C 77 1.84 13.58 -5.41
CA HIS C 77 2.69 14.72 -5.01
C HIS C 77 4.05 14.20 -4.64
N THR C 78 5.10 15.04 -4.85
CA THR C 78 6.41 14.76 -4.34
C THR C 78 6.96 16.13 -3.89
N LEU C 79 8.10 16.13 -3.23
CA LEU C 79 8.77 17.36 -2.83
C LEU C 79 9.33 18.16 -4.03
N PHE C 80 9.65 17.47 -5.13
CA PHE C 80 10.06 18.17 -6.40
C PHE C 80 8.88 18.93 -6.92
N LYS C 81 7.70 18.31 -6.94
CA LYS C 81 6.53 19.09 -7.39
C LYS C 81 6.29 20.26 -6.47
N TRP C 82 6.27 20.07 -5.15
CA TRP C 82 6.08 21.16 -4.24
C TRP C 82 7.11 22.30 -4.42
N LEU C 83 8.37 21.97 -4.62
CA LEU C 83 9.39 22.99 -4.78
C LEU C 83 9.09 23.76 -6.09
N THR C 84 8.76 23.03 -7.13
CA THR C 84 8.29 23.62 -8.42
C THR C 84 7.15 24.63 -8.18
N ASN C 85 6.19 24.18 -7.39
CA ASN C 85 5.04 24.95 -7.03
C ASN C 85 5.46 26.20 -6.31
N ILE C 86 6.32 26.08 -5.32
CA ILE C 86 6.74 27.26 -4.55
C ILE C 86 7.52 28.28 -5.42
N LEU C 87 8.39 27.82 -6.31
CA LEU C 87 9.02 28.72 -7.28
C LEU C 87 8.01 29.48 -8.10
N ALA C 88 6.91 28.84 -8.52
CA ALA C 88 5.81 29.53 -9.26
C ALA C 88 5.15 30.58 -8.40
N VAL C 89 4.97 30.26 -7.14
CA VAL C 89 4.33 31.19 -6.23
C VAL C 89 5.28 32.40 -5.98
N VAL C 90 6.56 32.15 -5.78
CA VAL C 90 7.52 33.22 -5.64
C VAL C 90 7.59 34.10 -6.90
N ASP C 91 7.57 33.49 -8.06
CA ASP C 91 7.61 34.22 -9.32
C ASP C 91 6.35 35.08 -9.48
N TYR C 92 5.22 34.59 -9.02
CA TYR C 92 3.99 35.35 -9.05
C TYR C 92 4.10 36.55 -8.11
N ALA C 93 4.60 36.32 -6.89
CA ALA C 93 4.67 37.39 -5.87
C ALA C 93 5.63 38.51 -6.31
N LYS C 94 6.68 38.15 -7.05
CA LYS C 94 7.74 39.05 -7.50
C LYS C 94 7.12 40.06 -8.47
N LYS C 95 5.98 39.79 -9.05
CA LYS C 95 5.36 40.70 -10.04
C LYS C 95 4.30 41.54 -9.40
N LEU C 96 4.03 41.33 -8.12
CA LEU C 96 3.03 42.12 -7.46
C LEU C 96 3.57 43.52 -7.17
N ASP C 97 2.89 44.58 -7.65
CA ASP C 97 3.50 45.90 -7.52
C ASP C 97 3.63 46.38 -6.09
N PHE C 98 2.70 45.98 -5.23
CA PHE C 98 2.72 46.39 -3.79
C PHE C 98 3.82 45.78 -2.95
N VAL C 99 4.36 44.67 -3.38
CA VAL C 99 5.29 43.93 -2.52
C VAL C 99 6.61 44.62 -2.43
N THR C 100 7.09 44.75 -1.21
CA THR C 100 8.39 45.19 -0.91
C THR C 100 9.27 43.97 -0.73
N ASP C 101 9.36 43.47 0.50
CA ASP C 101 10.19 42.27 0.79
C ASP C 101 9.30 41.00 0.81
N ILE C 102 9.87 39.82 0.41
CA ILE C 102 9.17 38.55 0.48
C ILE C 102 9.77 37.67 1.56
N TYR C 103 8.90 37.08 2.37
CA TYR C 103 9.29 36.18 3.43
C TYR C 103 8.69 34.80 3.17
N MET C 104 9.19 33.76 3.84
CA MET C 104 8.45 32.51 3.78
C MET C 104 8.27 31.89 5.18
N ALA C 105 7.16 31.18 5.31
CA ALA C 105 6.82 30.41 6.53
C ALA C 105 6.15 29.10 6.06
N GLY C 106 6.25 28.06 6.86
CA GLY C 106 5.60 26.82 6.56
C GLY C 106 5.55 25.89 7.74
N HIS C 107 4.55 24.99 7.77
CA HIS C 107 4.45 24.00 8.81
C HIS C 107 4.79 22.59 8.37
N SER C 108 5.65 21.89 9.16
CA SER C 108 5.88 20.47 9.03
C SER C 108 6.46 20.14 7.68
N GLN C 109 5.79 19.38 6.81
CA GLN C 109 6.36 19.23 5.44
C GLN C 109 6.54 20.56 4.75
N GLY C 110 5.65 21.49 5.03
CA GLY C 110 5.69 22.84 4.54
C GLY C 110 6.83 23.67 5.08
N GLY C 111 7.22 23.40 6.33
CA GLY C 111 8.41 23.97 6.92
C GLY C 111 9.71 23.45 6.37
N LEU C 112 9.77 22.15 6.09
CA LEU C 112 10.89 21.60 5.32
C LEU C 112 10.94 22.32 3.95
N SER C 113 9.79 22.40 3.29
CA SER C 113 9.71 22.89 1.96
C SER C 113 10.21 24.31 1.85
N VAL C 114 9.82 25.19 2.81
CA VAL C 114 10.34 26.55 2.84
C VAL C 114 11.86 26.64 3.24
N MET C 115 12.33 25.72 4.08
CA MET C 115 13.79 25.65 4.28
C MET C 115 14.53 25.40 2.93
N LEU C 116 14.02 24.51 2.11
CA LEU C 116 14.62 24.24 0.87
C LEU C 116 14.45 25.38 -0.11
N ALA C 117 13.21 25.88 -0.25
CA ALA C 117 12.95 26.89 -1.23
C ALA C 117 13.65 28.22 -0.90
N ALA C 118 13.74 28.53 0.39
CA ALA C 118 14.40 29.77 0.81
C ALA C 118 15.84 29.74 0.44
N ALA C 119 16.51 28.61 0.58
CA ALA C 119 17.90 28.50 0.08
C ALA C 119 17.95 28.74 -1.41
N MET C 120 17.06 28.11 -2.13
CA MET C 120 17.01 28.26 -3.60
C MET C 120 16.70 29.67 -4.06
N GLU C 121 16.03 30.42 -3.20
CA GLU C 121 15.60 31.77 -3.39
C GLU C 121 16.29 32.73 -2.40
N ARG C 122 17.53 32.41 -2.05
CA ARG C 122 18.23 33.10 -0.93
C ARG C 122 18.41 34.57 -1.16
N ASP C 123 18.56 34.97 -2.40
CA ASP C 123 18.67 36.38 -2.81
C ASP C 123 17.40 37.19 -2.63
N ILE C 124 16.23 36.52 -2.57
CA ILE C 124 14.90 37.12 -2.65
C ILE C 124 14.25 37.03 -1.30
N ILE C 125 14.49 35.99 -0.51
CA ILE C 125 13.70 35.75 0.70
C ILE C 125 14.41 36.37 1.91
N LYS C 126 13.73 37.33 2.53
CA LYS C 126 14.39 38.14 3.55
C LYS C 126 14.56 37.48 4.92
N ALA C 127 13.63 36.65 5.30
CA ALA C 127 13.71 35.84 6.51
C ALA C 127 12.76 34.66 6.38
N LEU C 128 12.96 33.67 7.24
CA LEU C 128 12.39 32.33 7.01
C LEU C 128 11.87 31.80 8.35
N ILE C 129 10.67 31.20 8.34
CA ILE C 129 10.01 30.70 9.54
C ILE C 129 9.52 29.28 9.37
N PRO C 130 10.36 28.28 9.69
CA PRO C 130 9.92 26.90 9.66
C PRO C 130 9.25 26.53 10.98
N LEU C 131 7.97 26.23 10.87
CA LEU C 131 7.14 25.82 12.02
C LEU C 131 7.10 24.33 12.12
N SER C 132 7.71 23.81 13.21
CA SER C 132 7.78 22.38 13.42
C SER C 132 8.17 21.63 12.16
N PRO C 133 9.31 22.05 11.59
CA PRO C 133 9.63 21.54 10.24
C PRO C 133 9.94 20.06 10.21
N ALA C 134 9.43 19.36 9.23
CA ALA C 134 9.68 17.95 9.07
C ALA C 134 11.01 17.71 8.36
N ALA C 135 12.00 18.34 8.88
CA ALA C 135 13.31 18.46 8.22
C ALA C 135 14.02 17.10 8.10
N MET C 136 13.62 16.13 8.91
CA MET C 136 14.29 14.76 8.83
C MET C 136 13.61 13.93 7.76
N ILE C 137 12.57 14.39 7.03
CA ILE C 137 11.96 13.52 6.04
C ILE C 137 13.01 12.82 5.10
N PRO C 138 13.88 13.62 4.49
CA PRO C 138 14.80 12.94 3.52
C PRO C 138 15.67 11.91 4.16
N GLU C 139 16.26 12.24 5.29
CA GLU C 139 17.20 11.28 5.99
CA GLU C 139 17.21 11.24 5.86
C GLU C 139 16.46 10.02 6.38
N ILE C 140 15.31 10.20 6.99
CA ILE C 140 14.50 9.05 7.46
C ILE C 140 13.93 8.27 6.28
N ALA C 141 13.64 8.94 5.14
CA ALA C 141 13.20 8.20 3.95
C ALA C 141 14.35 7.32 3.45
N ARG C 142 15.57 7.78 3.61
CA ARG C 142 16.74 6.97 3.21
C ARG C 142 16.87 5.70 4.07
N THR C 143 16.38 5.78 5.29
CA THR C 143 16.43 4.61 6.23
C THR C 143 15.16 3.75 6.21
N GLY C 144 14.12 4.15 5.47
CA GLY C 144 12.90 3.35 5.30
C GLY C 144 11.70 3.71 6.12
N GLU C 145 11.51 4.99 6.44
CA GLU C 145 10.26 5.37 7.09
C GLU C 145 9.80 6.72 6.52
N LEU C 146 8.50 6.95 6.55
CA LEU C 146 7.95 8.22 6.19
C LEU C 146 6.77 8.47 7.12
N LEU C 147 6.89 9.52 7.99
CA LEU C 147 5.79 10.02 8.86
C LEU C 147 5.01 8.85 9.49
N GLY C 148 5.78 7.95 10.08
CA GLY C 148 5.23 6.83 10.83
C GLY C 148 5.18 5.49 10.09
N LEU C 149 5.25 5.48 8.78
CA LEU C 149 5.14 4.24 8.04
C LEU C 149 6.47 3.71 7.60
N LYS C 150 6.69 2.42 7.82
CA LYS C 150 7.96 1.80 7.49
C LYS C 150 7.86 1.09 6.15
N PHE C 151 8.97 1.05 5.41
CA PHE C 151 8.97 0.39 4.10
C PHE C 151 10.40 0.12 3.75
N ASP C 152 10.63 -0.65 2.68
CA ASP C 152 11.97 -1.04 2.25
C ASP C 152 12.61 0.10 1.44
N PRO C 153 13.71 0.70 1.95
CA PRO C 153 14.16 1.90 1.22
C PRO C 153 14.95 1.65 -0.05
N GLU C 154 15.23 0.39 -0.39
CA GLU C 154 15.86 0.06 -1.67
C GLU C 154 14.83 -0.44 -2.71
N ASN C 155 13.95 -1.34 -2.28
CA ASN C 155 12.91 -1.83 -3.14
C ASN C 155 11.66 -1.10 -2.73
N ILE C 156 11.57 0.10 -3.24
CA ILE C 156 10.50 1.02 -2.78
C ILE C 156 9.18 0.53 -3.33
N PRO C 157 8.13 0.46 -2.46
CA PRO C 157 6.85 0.02 -2.90
C PRO C 157 6.26 0.90 -3.96
N ASP C 158 5.46 0.30 -4.82
CA ASP C 158 4.84 1.13 -5.86
C ASP C 158 3.89 2.14 -5.20
N GLU C 159 3.21 1.77 -4.11
CA GLU C 159 2.25 2.63 -3.45
C GLU C 159 2.27 2.34 -1.96
N LEU C 160 2.24 3.43 -1.16
CA LEU C 160 2.16 3.40 0.27
C LEU C 160 0.76 3.83 0.66
N ASP C 161 0.09 3.02 1.51
CA ASP C 161 -1.31 3.24 1.91
C ASP C 161 -1.36 3.40 3.44
N ALA C 162 -1.64 4.64 3.87
CA ALA C 162 -1.48 5.00 5.24
C ALA C 162 -2.15 6.37 5.48
N TRP C 163 -1.91 6.97 6.62
CA TRP C 163 -2.31 8.38 6.89
C TRP C 163 -3.80 8.55 6.74
N ASP C 164 -4.51 7.71 7.49
CA ASP C 164 -6.00 7.76 7.55
C ASP C 164 -6.67 7.65 6.20
N GLY C 165 -6.36 6.56 5.47
CA GLY C 165 -6.99 6.32 4.21
C GLY C 165 -6.49 6.94 2.91
N ARG C 166 -5.21 7.33 2.92
CA ARG C 166 -4.61 7.95 1.74
C ARG C 166 -3.68 6.98 1.03
N LYS C 167 -3.26 7.36 -0.16
CA LYS C 167 -2.39 6.57 -1.02
C LYS C 167 -1.26 7.47 -1.44
N LEU C 168 -0.05 6.93 -1.56
CA LEU C 168 1.10 7.75 -1.97
C LEU C 168 1.99 6.93 -2.87
N LYS C 169 2.27 7.38 -4.08
CA LYS C 169 3.16 6.61 -4.94
C LYS C 169 4.59 6.60 -4.40
N GLY C 170 5.32 5.52 -4.69
CA GLY C 170 6.68 5.40 -4.22
C GLY C 170 7.59 6.47 -4.77
N ASN C 171 7.22 7.12 -5.86
CA ASN C 171 8.02 8.23 -6.34
C ASN C 171 8.22 9.32 -5.25
N TYR C 172 7.25 9.53 -4.39
CA TYR C 172 7.49 10.50 -3.24
C TYR C 172 8.79 10.15 -2.52
N VAL C 173 9.02 8.86 -2.23
CA VAL C 173 10.18 8.44 -1.51
C VAL C 173 11.47 8.47 -2.41
N ARG C 174 11.27 8.08 -3.67
CA ARG C 174 12.42 8.16 -4.62
C ARG C 174 12.99 9.59 -4.71
N VAL C 175 12.08 10.58 -4.67
CA VAL C 175 12.45 11.96 -4.71
C VAL C 175 13.03 12.43 -3.38
N ALA C 176 12.33 12.14 -2.29
CA ALA C 176 12.76 12.59 -0.97
C ALA C 176 14.16 12.11 -0.59
N GLN C 177 14.46 10.87 -0.91
CA GLN C 177 15.78 10.33 -0.59
C GLN C 177 16.95 11.12 -1.22
N THR C 178 16.69 11.84 -2.33
CA THR C 178 17.72 12.63 -2.98
C THR C 178 18.15 13.89 -2.23
N ILE C 179 17.28 14.41 -1.39
CA ILE C 179 17.45 15.76 -0.88
C ILE C 179 18.40 15.77 0.29
N ARG C 180 19.46 16.62 0.19
CA ARG C 180 20.40 16.78 1.28
C ARG C 180 20.07 18.09 2.03
N VAL C 181 19.16 17.99 3.01
CA VAL C 181 18.67 19.19 3.75
C VAL C 181 19.76 20.13 4.26
N GLU C 182 20.79 19.51 4.79
CA GLU C 182 21.91 20.20 5.36
C GLU C 182 22.58 21.20 4.40
N ASP C 183 22.64 20.87 3.11
CA ASP C 183 23.12 21.76 2.04
C ASP C 183 22.28 23.05 1.93
N PHE C 184 20.97 22.89 2.04
CA PHE C 184 20.07 24.02 2.00
C PHE C 184 20.18 24.85 3.28
N VAL C 185 20.37 24.24 4.42
CA VAL C 185 20.52 24.99 5.65
C VAL C 185 21.81 25.86 5.56
N ASP C 186 22.90 25.25 5.06
CA ASP C 186 24.16 25.99 4.92
CA ASP C 186 24.19 25.93 4.85
C ASP C 186 24.04 27.18 3.98
N LYS C 187 23.17 27.09 2.99
CA LYS C 187 23.05 28.17 1.98
C LYS C 187 22.20 29.37 2.41
N TYR C 188 21.33 29.16 3.39
CA TYR C 188 20.46 30.25 3.82
C TYR C 188 20.94 30.87 5.13
N THR C 189 21.64 31.99 4.95
CA THR C 189 22.31 32.68 6.09
C THR C 189 21.56 33.87 6.63
N LYS C 190 20.41 34.19 6.08
CA LYS C 190 19.50 35.26 6.55
C LYS C 190 18.69 34.78 7.79
N PRO C 191 17.98 35.68 8.46
CA PRO C 191 17.38 35.29 9.69
C PRO C 191 16.33 34.16 9.54
N VAL C 192 16.33 33.30 10.52
CA VAL C 192 15.40 32.20 10.62
C VAL C 192 14.85 32.09 12.02
N LEU C 193 13.55 31.76 12.12
CA LEU C 193 12.91 31.41 13.37
C LEU C 193 12.32 30.05 13.25
N ILE C 194 12.88 29.10 14.01
CA ILE C 194 12.23 27.81 14.04
C ILE C 194 11.46 27.73 15.30
N VAL C 195 10.22 27.27 15.18
CA VAL C 195 9.35 27.03 16.34
C VAL C 195 9.05 25.55 16.44
N HIS C 196 9.11 24.94 17.64
CA HIS C 196 8.81 23.56 17.76
C HIS C 196 8.28 23.26 19.22
N GLY C 197 7.24 22.47 19.33
CA GLY C 197 6.72 21.98 20.60
C GLY C 197 7.59 20.87 21.12
N ASP C 198 7.98 20.89 22.42
CA ASP C 198 8.83 19.75 22.83
C ASP C 198 8.10 18.38 22.77
N GLN C 199 6.77 18.36 22.93
CA GLN C 199 6.02 17.13 22.95
C GLN C 199 5.42 16.72 21.57
N ASP C 200 6.03 17.26 20.52
CA ASP C 200 5.65 16.93 19.18
C ASP C 200 5.73 15.45 18.93
N GLU C 201 4.59 14.89 18.54
CA GLU C 201 4.36 13.46 18.38
C GLU C 201 4.67 12.96 16.99
N ALA C 202 4.90 13.91 16.07
CA ALA C 202 5.02 13.63 14.64
C ALA C 202 6.43 13.75 14.15
N VAL C 203 7.11 14.82 14.57
CA VAL C 203 8.45 15.14 14.13
C VAL C 203 9.29 15.53 15.34
N PRO C 204 10.47 14.95 15.43
CA PRO C 204 11.22 15.09 16.66
C PRO C 204 11.77 16.46 16.96
N TYR C 205 11.49 16.94 18.19
CA TYR C 205 12.03 18.19 18.67
C TYR C 205 13.53 18.39 18.47
N GLU C 206 14.32 17.35 18.83
CA GLU C 206 15.73 17.48 18.81
C GLU C 206 16.32 17.77 17.41
N ALA C 207 15.65 17.37 16.33
CA ALA C 207 16.12 17.75 15.00
C ALA C 207 16.06 19.23 14.79
N SER C 208 15.03 19.91 15.29
CA SER C 208 14.99 21.34 15.22
C SER C 208 16.07 22.02 16.05
N VAL C 209 16.42 21.43 17.21
CA VAL C 209 17.55 22.00 17.98
C VAL C 209 18.80 21.92 17.11
N ALA C 210 19.08 20.75 16.52
CA ALA C 210 20.27 20.56 15.68
C ALA C 210 20.28 21.53 14.49
N PHE C 211 19.17 21.63 13.77
CA PHE C 211 19.19 22.54 12.60
C PHE C 211 19.29 23.99 13.01
N SER C 212 18.70 24.36 14.12
CA SER C 212 18.84 25.74 14.58
C SER C 212 20.28 26.10 14.83
N LYS C 213 21.09 25.11 15.23
CA LYS C 213 22.50 25.31 15.51
C LYS C 213 23.32 25.39 14.26
N GLN C 214 22.92 24.66 13.24
CA GLN C 214 23.60 24.70 11.97
C GLN C 214 23.39 25.93 11.17
N TYR C 215 22.17 26.49 11.23
CA TYR C 215 21.95 27.74 10.55
C TYR C 215 22.87 28.87 11.09
N LYS C 216 23.27 29.81 10.22
CA LYS C 216 24.11 30.95 10.61
C LYS C 216 23.34 31.84 11.60
N ASN C 217 22.06 32.11 11.31
CA ASN C 217 21.27 33.11 12.02
CA ASN C 217 21.28 33.05 12.10
C ASN C 217 19.87 32.57 12.37
N CYS C 218 19.80 31.59 13.24
CA CYS C 218 18.50 31.01 13.65
C CYS C 218 18.22 31.15 15.11
N LYS C 219 17.00 31.57 15.43
CA LYS C 219 16.49 31.50 16.79
C LYS C 219 15.49 30.36 16.87
N LEU C 220 15.65 29.49 17.85
CA LEU C 220 14.69 28.43 18.13
C LEU C 220 13.78 28.87 19.29
N VAL C 221 12.50 28.78 19.03
CA VAL C 221 11.51 29.06 20.08
C VAL C 221 10.86 27.77 20.37
N THR C 222 10.98 27.32 21.63
CA THR C 222 10.35 26.16 22.09
C THR C 222 8.98 26.44 22.69
N ILE C 223 7.99 25.67 22.27
CA ILE C 223 6.64 25.80 22.79
C ILE C 223 6.43 24.74 23.87
N PRO C 224 6.49 25.15 25.16
CA PRO C 224 6.57 24.08 26.18
C PRO C 224 5.33 23.27 26.32
N GLY C 225 5.50 21.96 26.28
CA GLY C 225 4.45 21.00 26.45
C GLY C 225 3.64 20.74 25.24
N ASP C 226 3.94 21.41 24.12
CA ASP C 226 2.93 21.45 23.06
C ASP C 226 3.15 20.41 21.97
N THR C 227 2.11 20.27 21.15
CA THR C 227 1.98 19.18 20.20
C THR C 227 2.37 19.69 18.76
N HIS C 228 2.25 18.77 17.81
CA HIS C 228 2.67 19.10 16.43
C HIS C 228 1.94 20.29 15.85
N CYS C 229 0.63 20.36 16.07
CA CYS C 229 -0.19 21.48 15.58
C CYS C 229 -0.52 22.53 16.63
N TYR C 230 0.20 22.50 17.74
CA TYR C 230 0.10 23.54 18.79
C TYR C 230 -1.30 23.46 19.41
N ASP C 231 -1.74 22.26 19.74
CA ASP C 231 -3.07 22.09 20.38
C ASP C 231 -3.16 23.01 21.62
N HIS C 232 -2.09 23.10 22.40
CA HIS C 232 -2.18 23.74 23.74
C HIS C 232 -1.88 25.21 23.78
N HIS C 233 -0.97 25.68 22.92
CA HIS C 233 -0.44 27.04 23.06
C HIS C 233 -0.11 27.66 21.71
N LEU C 234 -1.09 27.59 20.82
CA LEU C 234 -0.97 28.28 19.52
C LEU C 234 -0.62 29.76 19.69
N GLU C 235 -1.12 30.40 20.77
CA GLU C 235 -0.84 31.79 20.97
C GLU C 235 0.63 32.09 21.21
N LEU C 236 1.34 31.10 21.75
CA LEU C 236 2.76 31.25 21.92
C LEU C 236 3.53 31.19 20.59
N VAL C 237 3.02 30.40 19.69
CA VAL C 237 3.56 30.38 18.33
C VAL C 237 3.30 31.71 17.66
N THR C 238 2.05 32.20 17.66
CA THR C 238 1.82 33.44 16.95
C THR C 238 2.59 34.62 17.54
N GLU C 239 2.72 34.66 18.87
CA GLU C 239 3.52 35.71 19.52
C GLU C 239 5.00 35.64 19.10
N ALA C 240 5.52 34.42 18.96
CA ALA C 240 6.91 34.30 18.60
C ALA C 240 7.10 34.78 17.14
N VAL C 241 6.19 34.37 16.28
CA VAL C 241 6.20 34.84 14.85
C VAL C 241 6.11 36.37 14.78
N LYS C 242 5.19 36.93 15.57
CA LYS C 242 4.97 38.39 15.61
C LYS C 242 6.22 39.15 16.03
N GLU C 243 6.85 38.72 17.12
CA GLU C 243 8.05 39.39 17.62
C GLU C 243 9.20 39.32 16.63
N PHE C 244 9.37 38.14 16.03
CA PHE C 244 10.46 37.96 15.08
C PHE C 244 10.24 38.82 13.85
N MET C 245 9.00 38.82 13.36
CA MET C 245 8.70 39.59 12.16
C MET C 245 8.76 41.09 12.40
N LEU C 246 8.33 41.56 13.58
CA LEU C 246 8.42 42.98 13.86
C LEU C 246 9.91 43.38 13.83
N GLU C 247 10.79 42.52 14.33
CA GLU C 247 12.22 42.78 14.24
CA GLU C 247 12.23 42.75 14.25
C GLU C 247 12.72 42.88 12.79
N GLN C 248 12.21 42.06 11.90
CA GLN C 248 12.67 42.12 10.51
C GLN C 248 12.13 43.30 9.74
N ILE C 249 10.89 43.68 10.03
CA ILE C 249 10.18 44.66 9.21
C ILE C 249 10.40 46.05 9.75
N ALA C 250 10.94 46.17 10.97
CA ALA C 250 11.09 47.51 11.59
C ALA C 250 12.11 48.33 10.84
N SER D 1 6.71 -0.04 -32.91
CA SER D 1 5.35 0.33 -33.37
C SER D 1 5.12 1.81 -33.74
N GLY D 2 5.57 2.82 -32.96
CA GLY D 2 5.42 4.20 -33.39
C GLY D 2 5.24 5.30 -32.37
N ALA D 3 4.74 6.42 -32.85
CA ALA D 3 4.60 7.67 -32.08
C ALA D 3 3.49 7.56 -31.07
N MET D 4 3.75 8.09 -29.86
CA MET D 4 2.82 8.04 -28.76
C MET D 4 3.12 9.21 -27.84
N TYR D 5 2.27 9.39 -26.84
CA TYR D 5 2.60 10.36 -25.80
C TYR D 5 2.28 9.80 -24.44
N ILE D 6 2.95 10.36 -23.43
CA ILE D 6 2.81 9.92 -22.06
C ILE D 6 2.39 11.18 -21.31
N ASP D 7 1.26 11.12 -20.62
CA ASP D 7 0.69 12.23 -19.86
CA ASP D 7 0.80 12.35 -19.96
C ASP D 7 1.43 12.37 -18.57
N CYS D 8 1.77 13.58 -18.15
CA CYS D 8 2.36 13.81 -16.82
C CYS D 8 1.86 15.18 -16.39
N ASP D 9 0.89 15.18 -15.48
CA ASP D 9 0.33 16.44 -14.97
C ASP D 9 -0.13 17.41 -16.01
N GLY D 10 -0.84 16.86 -16.99
CA GLY D 10 -1.48 17.72 -17.99
C GLY D 10 -0.54 18.13 -19.10
N ILE D 11 0.70 17.68 -19.08
CA ILE D 11 1.66 17.93 -20.14
C ILE D 11 1.84 16.59 -20.87
N LYS D 12 1.87 16.61 -22.19
CA LYS D 12 2.09 15.42 -23.00
C LYS D 12 3.57 15.32 -23.31
N LEU D 13 4.18 14.20 -22.97
CA LEU D 13 5.54 13.93 -23.31
C LEU D 13 5.51 13.09 -24.57
N ASN D 14 6.01 13.62 -25.68
CA ASN D 14 6.05 12.88 -26.91
C ASN D 14 7.10 11.76 -26.85
N ALA D 15 6.75 10.61 -27.41
CA ALA D 15 7.65 9.46 -27.37
C ALA D 15 7.44 8.56 -28.59
N TYR D 16 8.43 7.70 -28.85
CA TYR D 16 8.32 6.62 -29.84
C TYR D 16 8.62 5.31 -29.18
N LEU D 17 7.77 4.32 -29.42
CA LEU D 17 8.03 2.95 -29.02
C LEU D 17 8.38 2.14 -30.25
N ASP D 18 9.56 1.51 -30.27
CA ASP D 18 10.03 0.67 -31.35
C ASP D 18 10.37 -0.68 -30.85
N MET D 19 9.78 -1.69 -31.51
CA MET D 19 9.93 -3.08 -31.13
C MET D 19 11.02 -3.74 -31.97
N PRO D 20 11.66 -4.78 -31.43
CA PRO D 20 12.51 -5.58 -32.29
C PRO D 20 11.67 -6.25 -33.39
N LYS D 21 12.38 -6.68 -34.41
CA LYS D 21 11.85 -7.50 -35.49
C LYS D 21 11.26 -8.71 -34.85
N ASN D 22 10.06 -9.09 -35.30
CA ASN D 22 9.31 -10.24 -34.75
C ASN D 22 8.15 -9.88 -33.84
N ASN D 23 8.03 -8.62 -33.41
CA ASN D 23 7.04 -8.30 -32.36
C ASN D 23 7.11 -9.39 -31.27
N PRO D 24 8.29 -9.50 -30.60
CA PRO D 24 8.44 -10.46 -29.50
C PRO D 24 7.37 -10.27 -28.48
N GLU D 25 6.84 -11.40 -27.99
CA GLU D 25 5.95 -11.40 -26.84
C GLU D 25 6.57 -10.74 -25.59
N LYS D 26 7.84 -11.04 -25.35
CA LYS D 26 8.54 -10.57 -24.17
C LYS D 26 9.94 -10.11 -24.54
N CYS D 27 10.33 -8.89 -24.14
CA CYS D 27 11.70 -8.48 -24.44
C CYS D 27 12.03 -7.31 -23.48
N PRO D 28 13.32 -7.03 -23.33
CA PRO D 28 13.72 -5.88 -22.55
C PRO D 28 13.38 -4.59 -23.27
N LEU D 29 13.43 -3.50 -22.50
CA LEU D 29 13.13 -2.17 -23.02
C LEU D 29 14.18 -1.19 -22.51
N CYS D 30 14.69 -0.37 -23.41
CA CYS D 30 15.58 0.76 -23.06
C CYS D 30 14.89 2.08 -23.29
N ILE D 31 14.80 2.86 -22.20
CA ILE D 31 14.30 4.25 -22.26
C ILE D 31 15.44 5.11 -22.74
N ILE D 32 15.22 5.93 -23.77
CA ILE D 32 16.29 6.73 -24.37
C ILE D 32 15.86 8.17 -24.30
N ILE D 33 16.65 8.97 -23.62
CA ILE D 33 16.30 10.40 -23.35
C ILE D 33 17.26 11.35 -24.04
N HIS D 34 16.81 12.02 -25.08
CA HIS D 34 17.62 12.96 -25.77
C HIS D 34 17.84 14.23 -24.89
N GLY D 35 18.76 15.08 -25.34
CA GLY D 35 19.16 16.23 -24.50
C GLY D 35 18.31 17.45 -24.70
N PHE D 36 18.77 18.55 -24.11
N PHE D 36 18.76 18.56 -24.12
CA PHE D 36 17.94 19.73 -24.00
CA PHE D 36 17.93 19.75 -24.09
C PHE D 36 17.64 20.32 -25.35
C PHE D 36 17.95 20.55 -25.38
N THR D 37 18.66 20.48 -26.18
N THR D 37 16.80 20.62 -26.01
CA THR D 37 18.44 21.06 -27.56
CA THR D 37 16.66 21.11 -27.38
C THR D 37 17.93 20.12 -28.62
C THR D 37 17.03 20.06 -28.49
N GLY D 38 17.68 18.88 -28.21
CA GLY D 38 17.66 17.78 -29.19
C GLY D 38 16.28 17.19 -29.40
N HIS D 39 16.28 16.10 -30.16
CA HIS D 39 15.03 15.45 -30.50
CA HIS D 39 15.05 15.48 -30.64
C HIS D 39 15.25 13.98 -30.71
N SER D 40 14.17 13.25 -30.54
CA SER D 40 14.20 11.76 -30.61
C SER D 40 14.61 11.21 -31.96
N GLU D 41 14.37 12.02 -32.98
CA GLU D 41 14.70 11.60 -34.35
C GLU D 41 16.05 11.93 -34.81
N GLU D 42 16.87 12.55 -33.97
CA GLU D 42 18.19 12.96 -34.39
C GLU D 42 19.11 11.75 -34.65
N ARG D 43 20.10 11.92 -35.54
CA ARG D 43 20.93 10.80 -35.93
C ARG D 43 21.56 10.04 -34.79
N HIS D 44 22.13 10.75 -33.80
CA HIS D 44 22.81 10.08 -32.71
C HIS D 44 21.87 9.23 -31.87
N ILE D 45 20.62 9.64 -31.72
CA ILE D 45 19.66 8.86 -30.98
C ILE D 45 19.15 7.65 -31.80
N VAL D 46 18.80 7.87 -33.06
CA VAL D 46 18.14 6.87 -33.89
C VAL D 46 19.15 5.71 -34.09
N ALA D 47 20.42 6.05 -34.27
CA ALA D 47 21.42 5.01 -34.46
C ALA D 47 21.51 4.09 -33.27
N VAL D 48 21.46 4.66 -32.08
CA VAL D 48 21.45 3.85 -30.87
C VAL D 48 20.16 3.02 -30.74
N GLN D 49 19.05 3.63 -31.11
CA GLN D 49 17.76 3.01 -31.07
C GLN D 49 17.74 1.73 -31.95
N GLU D 50 18.16 1.92 -33.18
CA GLU D 50 18.17 0.85 -34.17
C GLU D 50 19.10 -0.26 -33.76
N THR D 51 20.24 0.08 -33.17
CA THR D 51 21.18 -0.94 -32.68
C THR D 51 20.56 -1.78 -31.59
N LEU D 52 19.87 -1.12 -30.65
CA LEU D 52 19.26 -1.83 -29.58
C LEU D 52 18.16 -2.77 -30.16
N ASN D 53 17.34 -2.25 -31.07
CA ASN D 53 16.24 -3.00 -31.65
C ASN D 53 16.80 -4.28 -32.34
N GLU D 54 17.92 -4.14 -33.03
CA GLU D 54 18.58 -5.26 -33.76
C GLU D 54 19.01 -6.37 -32.87
N ILE D 55 19.38 -6.08 -31.62
CA ILE D 55 19.70 -7.13 -30.64
C ILE D 55 18.56 -7.52 -29.74
N GLY D 56 17.33 -7.17 -30.13
CA GLY D 56 16.14 -7.62 -29.43
C GLY D 56 15.64 -6.83 -28.23
N VAL D 57 16.19 -5.62 -28.11
CA VAL D 57 15.80 -4.66 -27.10
C VAL D 57 14.84 -3.60 -27.69
N ALA D 58 13.62 -3.57 -27.17
CA ALA D 58 12.63 -2.56 -27.51
C ALA D 58 13.17 -1.21 -26.98
N THR D 59 12.73 -0.15 -27.63
CA THR D 59 13.15 1.18 -27.16
C THR D 59 11.98 2.10 -26.99
N LEU D 60 12.08 2.94 -25.98
CA LEU D 60 11.13 4.03 -25.73
C LEU D 60 11.95 5.32 -25.74
N ARG D 61 11.95 6.01 -26.89
CA ARG D 61 12.60 7.33 -27.01
C ARG D 61 11.60 8.34 -26.47
N ALA D 62 12.01 9.18 -25.51
CA ALA D 62 11.08 10.13 -24.96
C ALA D 62 11.64 11.50 -24.75
N ASP D 63 10.75 12.47 -24.97
CA ASP D 63 11.00 13.82 -24.50
C ASP D 63 10.88 13.91 -22.99
N MET D 64 11.84 14.57 -22.33
CA MET D 64 11.82 14.80 -20.89
C MET D 64 11.09 16.08 -20.51
N TYR D 65 10.46 16.73 -21.48
CA TYR D 65 9.68 17.93 -21.30
C TYR D 65 8.54 17.97 -22.33
N GLY D 66 7.55 18.82 -22.05
CA GLY D 66 6.46 19.08 -23.00
C GLY D 66 6.83 20.06 -24.12
N HIS D 67 6.00 20.19 -25.17
CA HIS D 67 6.39 21.03 -26.33
C HIS D 67 5.29 22.00 -26.69
N ASP D 76 9.76 27.21 -18.58
CA ASP D 76 10.67 27.25 -17.45
C ASP D 76 11.12 25.84 -17.13
N HIS D 77 12.03 25.34 -17.97
CA HIS D 77 12.62 24.03 -17.71
C HIS D 77 13.53 23.99 -16.50
N THR D 78 13.35 22.96 -15.67
CA THR D 78 14.34 22.64 -14.63
C THR D 78 14.54 21.14 -14.54
N LEU D 79 15.63 20.74 -13.87
CA LEU D 79 15.89 19.31 -13.63
C LEU D 79 14.85 18.64 -12.73
N PHE D 80 14.14 19.40 -11.89
CA PHE D 80 13.09 18.77 -11.10
C PHE D 80 11.89 18.44 -12.02
N LYS D 81 11.56 19.27 -13.01
CA LYS D 81 10.50 18.98 -13.95
C LYS D 81 10.91 17.79 -14.82
N TRP D 82 12.16 17.83 -15.31
CA TRP D 82 12.63 16.77 -16.17
C TRP D 82 12.69 15.43 -15.49
N LEU D 83 13.16 15.39 -14.26
CA LEU D 83 13.16 14.13 -13.53
C LEU D 83 11.73 13.62 -13.23
N THR D 84 10.84 14.54 -12.85
CA THR D 84 9.46 14.18 -12.65
C THR D 84 8.93 13.50 -13.92
N ASN D 85 9.22 14.07 -15.08
CA ASN D 85 8.75 13.57 -16.34
C ASN D 85 9.38 12.21 -16.61
N ILE D 86 10.67 12.04 -16.34
CA ILE D 86 11.25 10.72 -16.58
C ILE D 86 10.70 9.66 -15.65
N LEU D 87 10.34 10.03 -14.42
CA LEU D 87 9.67 9.07 -13.54
C LEU D 87 8.36 8.64 -14.17
N ALA D 88 7.67 9.56 -14.85
CA ALA D 88 6.39 9.22 -15.51
C ALA D 88 6.61 8.26 -16.66
N VAL D 89 7.70 8.47 -17.37
CA VAL D 89 8.10 7.59 -18.45
C VAL D 89 8.39 6.19 -17.91
N VAL D 90 9.11 6.11 -16.80
CA VAL D 90 9.39 4.82 -16.20
C VAL D 90 8.11 4.17 -15.73
N ASP D 91 7.20 4.91 -15.13
CA ASP D 91 5.98 4.31 -14.60
C ASP D 91 5.14 3.76 -15.75
N TYR D 92 5.13 4.42 -16.89
CA TYR D 92 4.46 3.97 -18.07
C TYR D 92 5.08 2.67 -18.59
N ALA D 93 6.40 2.64 -18.70
CA ALA D 93 7.14 1.46 -19.14
C ALA D 93 6.93 0.25 -18.26
N LYS D 94 6.86 0.46 -16.96
CA LYS D 94 6.61 -0.65 -16.01
C LYS D 94 5.26 -1.33 -16.24
N LYS D 95 4.35 -0.65 -16.91
CA LYS D 95 3.02 -1.21 -17.16
C LYS D 95 2.92 -1.94 -18.47
N LEU D 96 3.95 -1.85 -19.32
CA LEU D 96 3.90 -2.47 -20.62
C LEU D 96 4.02 -3.98 -20.48
N ASP D 97 3.07 -4.70 -21.12
CA ASP D 97 2.93 -6.13 -20.86
C ASP D 97 4.14 -6.93 -21.31
N PHE D 98 4.75 -6.51 -22.39
CA PHE D 98 5.87 -7.27 -22.94
C PHE D 98 7.18 -7.09 -22.21
N VAL D 99 7.27 -6.07 -21.38
CA VAL D 99 8.60 -5.68 -20.89
C VAL D 99 9.14 -6.65 -19.88
N THR D 100 10.40 -7.04 -20.04
CA THR D 100 11.09 -7.77 -19.02
C THR D 100 11.94 -6.83 -18.19
N ASP D 101 13.19 -6.64 -18.59
CA ASP D 101 14.07 -5.70 -17.89
C ASP D 101 14.02 -4.32 -18.52
N ILE D 102 14.21 -3.26 -17.69
CA ILE D 102 14.22 -1.89 -18.15
C ILE D 102 15.63 -1.30 -17.97
N TYR D 103 16.12 -0.72 -19.05
CA TYR D 103 17.40 -0.03 -19.14
C TYR D 103 17.18 1.47 -19.43
N MET D 104 18.20 2.27 -19.13
CA MET D 104 18.16 3.71 -19.46
C MET D 104 19.42 4.13 -20.22
N ALA D 105 19.22 5.05 -21.15
CA ALA D 105 20.26 5.72 -21.92
C ALA D 105 19.82 7.15 -22.20
N GLY D 106 20.79 8.05 -22.29
CA GLY D 106 20.51 9.43 -22.63
C GLY D 106 21.71 10.18 -23.09
N HIS D 107 21.53 11.26 -23.84
CA HIS D 107 22.64 12.03 -24.38
C HIS D 107 22.64 13.45 -23.75
N SER D 108 23.83 13.92 -23.42
CA SER D 108 24.11 15.32 -23.02
C SER D 108 23.33 15.71 -21.79
N GLN D 109 22.42 16.68 -21.87
CA GLN D 109 21.63 16.91 -20.66
C GLN D 109 20.66 15.78 -20.36
N GLY D 110 20.27 14.98 -21.37
CA GLY D 110 19.53 13.76 -21.17
C GLY D 110 20.40 12.71 -20.50
N GLY D 111 21.71 12.75 -20.79
CA GLY D 111 22.64 11.88 -20.09
C GLY D 111 22.79 12.17 -18.59
N LEU D 112 22.97 13.43 -18.25
CA LEU D 112 22.89 13.82 -16.84
C LEU D 112 21.55 13.37 -16.25
N SER D 113 20.48 13.60 -16.96
CA SER D 113 19.18 13.30 -16.38
C SER D 113 18.95 11.84 -16.10
N VAL D 114 19.50 10.92 -16.95
CA VAL D 114 19.37 9.53 -16.71
C VAL D 114 20.33 9.07 -15.64
N MET D 115 21.48 9.73 -15.49
CA MET D 115 22.34 9.46 -14.33
C MET D 115 21.57 9.66 -13.03
N LEU D 116 20.84 10.77 -13.01
CA LEU D 116 20.06 11.09 -11.81
C LEU D 116 18.87 10.14 -11.63
N ALA D 117 18.11 9.94 -12.70
CA ALA D 117 16.91 9.14 -12.63
C ALA D 117 17.24 7.65 -12.34
N ALA D 118 18.34 7.16 -12.90
CA ALA D 118 18.70 5.76 -12.64
C ALA D 118 18.99 5.50 -11.17
N ALA D 119 19.54 6.46 -10.44
CA ALA D 119 19.78 6.30 -9.00
C ALA D 119 18.45 6.27 -8.28
N MET D 120 17.58 7.17 -8.69
CA MET D 120 16.23 7.24 -8.10
C MET D 120 15.40 5.97 -8.38
N GLU D 121 15.75 5.29 -9.47
CA GLU D 121 15.12 4.08 -9.93
C GLU D 121 16.06 2.88 -9.88
N ARG D 122 16.93 2.87 -8.88
CA ARG D 122 18.07 1.93 -8.88
C ARG D 122 17.62 0.48 -8.81
N ASP D 123 16.49 0.23 -8.17
CA ASP D 123 15.91 -1.09 -8.05
C ASP D 123 15.32 -1.60 -9.35
N ILE D 124 14.97 -0.69 -10.26
CA ILE D 124 14.23 -0.97 -11.46
C ILE D 124 15.11 -1.02 -12.72
N ILE D 125 16.13 -0.15 -12.79
CA ILE D 125 16.94 0.06 -14.01
C ILE D 125 18.16 -0.89 -13.99
N LYS D 126 18.17 -1.78 -14.95
CA LYS D 126 19.16 -2.89 -14.91
C LYS D 126 20.55 -2.46 -15.29
N ALA D 127 20.69 -1.53 -16.22
CA ALA D 127 21.96 -0.93 -16.58
C ALA D 127 21.68 0.42 -17.24
N LEU D 128 22.74 1.25 -17.28
CA LEU D 128 22.67 2.67 -17.58
C LEU D 128 23.72 3.05 -18.61
N ILE D 129 23.30 3.86 -19.59
CA ILE D 129 24.23 4.31 -20.65
C ILE D 129 24.17 5.82 -20.88
N PRO D 130 24.98 6.58 -20.15
CA PRO D 130 25.11 7.99 -20.36
C PRO D 130 26.03 8.27 -21.53
N LEU D 131 25.50 8.92 -22.53
CA LEU D 131 26.23 9.28 -23.76
C LEU D 131 26.62 10.76 -23.63
N SER D 132 27.90 11.02 -23.55
CA SER D 132 28.44 12.37 -23.39
C SER D 132 27.64 13.20 -22.42
N PRO D 133 27.50 12.67 -21.19
CA PRO D 133 26.55 13.34 -20.24
C PRO D 133 27.05 14.69 -19.79
N ALA D 134 26.16 15.69 -19.74
CA ALA D 134 26.48 17.00 -19.24
C ALA D 134 26.44 17.04 -17.75
N ALA D 135 27.23 16.21 -17.12
CA ALA D 135 27.13 15.92 -15.72
C ALA D 135 27.79 17.01 -14.89
N MET D 136 28.49 17.96 -15.50
CA MET D 136 29.05 19.08 -14.71
C MET D 136 28.11 20.24 -14.57
N ILE D 137 26.89 20.16 -15.12
CA ILE D 137 26.03 21.32 -15.12
C ILE D 137 25.81 21.81 -13.69
N PRO D 138 25.42 20.95 -12.72
CA PRO D 138 25.24 21.45 -11.36
C PRO D 138 26.44 22.17 -10.76
N GLU D 139 27.63 21.63 -10.92
CA GLU D 139 28.82 22.25 -10.37
C GLU D 139 29.09 23.61 -11.02
N ILE D 140 28.95 23.65 -12.34
CA ILE D 140 29.25 24.90 -13.06
C ILE D 140 28.13 25.92 -12.78
N ALA D 141 26.90 25.47 -12.53
CA ALA D 141 25.89 26.40 -12.08
C ALA D 141 26.20 27.00 -10.73
N ARG D 142 26.82 26.25 -9.85
CA ARG D 142 27.22 26.77 -8.58
C ARG D 142 28.38 27.79 -8.69
N THR D 143 29.16 27.70 -9.76
CA THR D 143 30.19 28.73 -10.00
C THR D 143 29.64 29.95 -10.72
N GLY D 144 28.46 29.86 -11.29
CA GLY D 144 27.86 31.00 -12.01
C GLY D 144 28.18 30.95 -13.47
N GLU D 145 28.13 29.78 -14.06
CA GLU D 145 28.18 29.70 -15.48
C GLU D 145 27.15 28.72 -16.02
N LEU D 146 26.64 29.06 -17.21
CA LEU D 146 25.66 28.18 -17.88
C LEU D 146 25.47 28.63 -19.30
N LEU D 147 25.34 27.69 -20.24
CA LEU D 147 25.04 28.06 -21.63
C LEU D 147 26.05 29.06 -22.19
N GLY D 148 27.29 28.99 -21.71
CA GLY D 148 28.34 29.98 -22.09
C GLY D 148 28.15 31.42 -21.57
N LEU D 149 27.34 31.60 -20.55
CA LEU D 149 27.09 32.93 -19.94
C LEU D 149 27.66 32.92 -18.56
N LYS D 150 28.17 34.07 -18.07
CA LYS D 150 28.69 34.21 -16.74
C LYS D 150 27.70 35.02 -15.94
N PHE D 151 27.33 34.55 -14.76
CA PHE D 151 26.42 35.27 -13.84
C PHE D 151 26.85 35.10 -12.39
N ASP D 152 26.25 35.90 -11.47
CA ASP D 152 26.56 35.80 -10.03
C ASP D 152 25.72 34.61 -9.49
N PRO D 153 26.40 33.60 -8.96
CA PRO D 153 25.62 32.43 -8.56
C PRO D 153 24.77 32.69 -7.33
N GLU D 154 24.93 33.87 -6.70
CA GLU D 154 24.16 34.21 -5.53
C GLU D 154 23.10 35.24 -5.84
N ASN D 155 23.04 35.76 -7.06
CA ASN D 155 22.01 36.69 -7.47
C ASN D 155 21.62 36.29 -8.89
N ILE D 156 20.85 35.18 -8.98
CA ILE D 156 20.63 34.56 -10.25
C ILE D 156 19.70 35.37 -11.12
N PRO D 157 20.07 35.64 -12.39
CA PRO D 157 19.18 36.34 -13.29
C PRO D 157 17.86 35.62 -13.59
N ASP D 158 16.83 36.39 -13.84
CA ASP D 158 15.53 35.87 -14.20
C ASP D 158 15.55 35.11 -15.50
N GLU D 159 16.35 35.55 -16.49
CA GLU D 159 16.41 34.95 -17.81
C GLU D 159 17.85 34.82 -18.24
N LEU D 160 18.18 33.71 -18.87
CA LEU D 160 19.50 33.41 -19.46
C LEU D 160 19.32 33.01 -20.92
N ASP D 161 19.86 33.82 -21.82
CA ASP D 161 19.68 33.67 -23.27
C ASP D 161 21.02 33.37 -23.94
N ALA D 162 21.23 32.14 -24.36
CA ALA D 162 22.52 31.70 -24.94
C ALA D 162 22.69 32.30 -26.30
N TRP D 163 23.94 32.49 -26.70
CA TRP D 163 24.19 33.09 -28.00
C TRP D 163 23.79 32.13 -29.10
N ASP D 164 23.79 30.82 -28.81
CA ASP D 164 23.30 29.79 -29.78
C ASP D 164 21.77 29.68 -29.88
N GLY D 165 21.04 30.49 -29.10
CA GLY D 165 19.60 30.58 -29.21
C GLY D 165 18.90 29.80 -28.11
N ARG D 166 19.62 28.97 -27.37
CA ARG D 166 19.00 28.27 -26.23
C ARG D 166 18.57 29.27 -25.18
N LYS D 167 17.40 29.07 -24.56
CA LYS D 167 17.00 29.97 -23.44
C LYS D 167 16.62 29.15 -22.22
N LEU D 168 16.99 29.66 -21.04
CA LEU D 168 16.52 29.10 -19.77
C LEU D 168 16.12 30.25 -18.81
N LYS D 169 15.37 29.95 -17.74
CA LYS D 169 15.05 30.96 -16.73
C LYS D 169 15.94 30.69 -15.55
N GLY D 170 15.99 31.66 -14.63
CA GLY D 170 16.76 31.47 -13.45
C GLY D 170 16.45 30.25 -12.60
N ASN D 171 15.20 29.81 -12.61
CA ASN D 171 14.78 28.63 -11.87
C ASN D 171 15.63 27.41 -12.30
N TYR D 172 16.03 27.33 -13.57
CA TYR D 172 16.85 26.17 -13.99
C TYR D 172 18.08 26.16 -13.11
N VAL D 173 18.72 27.34 -12.87
CA VAL D 173 19.95 27.37 -12.09
C VAL D 173 19.71 27.16 -10.60
N ARG D 174 18.61 27.72 -10.10
CA ARG D 174 18.32 27.61 -8.70
C ARG D 174 18.17 26.13 -8.32
N VAL D 175 17.53 25.39 -9.21
CA VAL D 175 17.38 23.94 -9.07
C VAL D 175 18.69 23.20 -9.26
N ALA D 176 19.39 23.51 -10.35
CA ALA D 176 20.59 22.76 -10.68
C ALA D 176 21.64 22.88 -9.62
N GLN D 177 21.76 24.05 -9.01
CA GLN D 177 22.73 24.27 -7.95
C GLN D 177 22.55 23.33 -6.78
N THR D 178 21.34 22.83 -6.59
CA THR D 178 21.07 21.92 -5.43
C THR D 178 21.49 20.46 -5.64
N ILE D 179 21.77 20.13 -6.90
CA ILE D 179 21.95 18.72 -7.31
C ILE D 179 23.40 18.34 -7.09
N ARG D 180 23.63 17.34 -6.23
CA ARG D 180 24.92 16.77 -5.95
C ARG D 180 25.06 15.49 -6.79
N VAL D 181 25.53 15.66 -8.02
CA VAL D 181 25.58 14.52 -8.98
C VAL D 181 26.31 13.34 -8.38
N GLU D 182 27.39 13.59 -7.65
CA GLU D 182 28.19 12.53 -7.03
C GLU D 182 27.39 11.62 -6.10
N ASP D 183 26.37 12.12 -5.43
CA ASP D 183 25.53 11.26 -4.57
C ASP D 183 24.75 10.25 -5.45
N PHE D 184 24.27 10.72 -6.58
CA PHE D 184 23.48 9.88 -7.50
C PHE D 184 24.41 8.84 -8.14
N VAL D 185 25.62 9.26 -8.49
CA VAL D 185 26.60 8.30 -8.95
C VAL D 185 26.85 7.22 -7.91
N ASP D 186 27.07 7.64 -6.68
CA ASP D 186 27.30 6.65 -5.60
C ASP D 186 26.15 5.66 -5.41
N LYS D 187 24.93 6.07 -5.64
CA LYS D 187 23.83 5.22 -5.39
C LYS D 187 23.58 4.21 -6.44
N TYR D 188 23.95 4.48 -7.70
CA TYR D 188 23.74 3.53 -8.79
C TYR D 188 24.98 2.63 -9.00
N THR D 189 24.91 1.45 -8.42
CA THR D 189 26.04 0.48 -8.43
C THR D 189 25.93 -0.62 -9.44
N LYS D 190 24.89 -0.63 -10.22
CA LYS D 190 24.72 -1.54 -11.33
C LYS D 190 25.57 -1.10 -12.52
N PRO D 191 25.64 -1.92 -13.57
CA PRO D 191 26.47 -1.63 -14.67
C PRO D 191 26.17 -0.34 -15.43
N VAL D 192 27.24 0.41 -15.73
CA VAL D 192 27.17 1.68 -16.45
C VAL D 192 28.13 1.63 -17.60
N LEU D 193 27.73 2.15 -18.74
CA LEU D 193 28.58 2.40 -19.93
C LEU D 193 28.56 3.87 -20.23
N ILE D 194 29.64 4.62 -19.97
CA ILE D 194 29.68 5.98 -20.44
C ILE D 194 30.42 6.00 -21.75
N VAL D 195 29.91 6.72 -22.71
CA VAL D 195 30.56 6.93 -24.03
C VAL D 195 30.84 8.39 -24.18
N HIS D 196 32.02 8.77 -24.67
CA HIS D 196 32.36 10.16 -24.79
C HIS D 196 33.45 10.35 -25.85
N GLY D 197 33.28 11.29 -26.74
CA GLY D 197 34.34 11.69 -27.70
C GLY D 197 35.43 12.51 -27.04
N ASP D 198 36.69 12.21 -27.37
CA ASP D 198 37.78 12.97 -26.74
C ASP D 198 38.15 14.34 -27.36
N GLN D 199 37.38 14.79 -28.35
CA GLN D 199 37.42 16.17 -28.82
C GLN D 199 36.07 16.85 -28.70
N ASP D 200 35.35 16.48 -27.63
CA ASP D 200 34.06 17.07 -27.33
C ASP D 200 34.22 18.54 -26.91
N GLU D 201 33.63 19.39 -27.71
CA GLU D 201 33.70 20.82 -27.53
C GLU D 201 32.62 21.39 -26.64
N ALA D 202 31.63 20.58 -26.33
CA ALA D 202 30.47 21.06 -25.56
C ALA D 202 30.59 20.66 -24.07
N VAL D 203 31.06 19.45 -23.86
CA VAL D 203 31.19 18.86 -22.53
C VAL D 203 32.54 18.17 -22.42
N PRO D 204 33.36 18.59 -21.46
CA PRO D 204 34.70 18.03 -21.28
C PRO D 204 34.76 16.53 -21.08
N TYR D 205 35.41 15.84 -21.99
CA TYR D 205 35.70 14.44 -21.86
C TYR D 205 36.18 14.04 -20.45
N GLU D 206 37.05 14.88 -19.85
CA GLU D 206 37.66 14.50 -18.57
C GLU D 206 36.66 14.35 -17.45
N ALA D 207 35.53 15.02 -17.55
CA ALA D 207 34.50 14.81 -16.55
C ALA D 207 33.93 13.37 -16.57
N SER D 208 33.75 12.83 -17.78
CA SER D 208 33.33 11.42 -17.91
C SER D 208 34.41 10.44 -17.43
N VAL D 209 35.71 10.80 -17.59
CA VAL D 209 36.77 10.00 -17.04
C VAL D 209 36.56 9.93 -15.51
N ALA D 210 36.39 11.10 -14.90
CA ALA D 210 36.24 11.22 -13.46
C ALA D 210 34.97 10.46 -12.96
N PHE D 211 33.83 10.64 -13.61
CA PHE D 211 32.64 9.89 -13.21
C PHE D 211 32.77 8.39 -13.44
N SER D 212 33.44 7.99 -14.54
CA SER D 212 33.67 6.57 -14.74
C SER D 212 34.40 5.90 -13.60
N LYS D 213 35.32 6.62 -12.97
CA LYS D 213 36.09 6.11 -11.88
C LYS D 213 35.32 6.09 -10.57
N GLN D 214 34.36 6.99 -10.47
CA GLN D 214 33.57 7.07 -9.25
C GLN D 214 32.51 5.96 -9.18
N TYR D 215 31.82 5.68 -10.28
CA TYR D 215 30.86 4.58 -10.34
C TYR D 215 31.53 3.29 -9.89
N LYS D 216 30.78 2.49 -9.17
CA LYS D 216 31.28 1.15 -8.75
C LYS D 216 31.59 0.25 -9.95
N ASN D 217 30.76 0.32 -11.00
CA ASN D 217 30.85 -0.60 -12.14
C ASN D 217 30.59 0.19 -13.44
N CYS D 218 31.57 0.91 -13.93
CA CYS D 218 31.36 1.70 -15.15
C CYS D 218 32.50 1.44 -16.11
N LYS D 219 32.16 1.19 -17.37
CA LYS D 219 33.13 1.14 -18.44
C LYS D 219 33.03 2.46 -19.21
N LEU D 220 34.18 3.08 -19.46
CA LEU D 220 34.28 4.28 -20.28
C LEU D 220 34.77 3.83 -21.62
N VAL D 221 34.01 4.16 -22.67
CA VAL D 221 34.45 3.98 -24.06
C VAL D 221 34.67 5.40 -24.62
N THR D 222 35.91 5.68 -24.99
CA THR D 222 36.32 6.90 -25.61
C THR D 222 36.20 6.75 -27.13
N ILE D 223 35.62 7.75 -27.79
CA ILE D 223 35.58 7.81 -29.25
C ILE D 223 36.68 8.75 -29.71
N PRO D 224 37.78 8.17 -30.26
CA PRO D 224 38.89 9.07 -30.53
C PRO D 224 38.63 10.11 -31.60
N GLY D 225 38.94 11.33 -31.22
CA GLY D 225 38.85 12.48 -32.05
C GLY D 225 37.47 13.01 -32.26
N ASP D 226 36.47 12.48 -31.55
CA ASP D 226 35.09 12.76 -31.94
C ASP D 226 34.47 13.82 -31.05
N THR D 227 33.36 14.33 -31.58
CA THR D 227 32.67 15.51 -31.17
C THR D 227 31.53 15.18 -30.22
N HIS D 228 30.81 16.22 -29.80
CA HIS D 228 29.74 15.97 -28.82
C HIS D 228 28.63 15.04 -29.33
N CYS D 229 28.28 15.12 -30.59
CA CYS D 229 27.19 14.35 -31.17
C CYS D 229 27.71 13.32 -32.19
N TYR D 230 28.99 13.03 -32.06
CA TYR D 230 29.61 11.86 -32.71
C TYR D 230 29.56 12.09 -34.23
N ASP D 231 30.00 13.25 -34.64
CA ASP D 231 29.97 13.63 -36.12
C ASP D 231 30.82 12.67 -36.94
N HIS D 232 31.92 12.22 -36.37
CA HIS D 232 32.92 11.46 -37.19
C HIS D 232 32.76 9.96 -37.13
N HIS D 233 32.41 9.44 -35.94
CA HIS D 233 32.43 8.03 -35.66
C HIS D 233 31.28 7.50 -34.80
N LEU D 234 30.07 7.87 -35.22
CA LEU D 234 28.87 7.33 -34.58
C LEU D 234 28.83 5.81 -34.52
N GLU D 235 29.35 5.15 -35.57
CA GLU D 235 29.38 3.70 -35.59
C GLU D 235 30.19 3.07 -34.42
N LEU D 236 31.18 3.81 -33.91
CA LEU D 236 31.96 3.31 -32.81
C LEU D 236 31.12 3.38 -31.49
N VAL D 237 30.27 4.39 -31.42
CA VAL D 237 29.31 4.47 -30.31
C VAL D 237 28.31 3.31 -30.32
N THR D 238 27.68 3.08 -31.47
CA THR D 238 26.72 1.98 -31.61
C THR D 238 27.34 0.64 -31.36
N GLU D 239 28.54 0.46 -31.87
CA GLU D 239 29.22 -0.81 -31.56
C GLU D 239 29.43 -1.01 -30.05
N ALA D 240 29.85 0.04 -29.33
CA ALA D 240 30.12 -0.10 -27.93
C ALA D 240 28.84 -0.41 -27.15
N VAL D 241 27.75 0.26 -27.56
CA VAL D 241 26.45 0.03 -26.93
C VAL D 241 25.99 -1.40 -27.16
N LYS D 242 26.15 -1.85 -28.40
CA LYS D 242 25.85 -3.25 -28.75
C LYS D 242 26.59 -4.25 -27.89
N GLU D 243 27.91 -4.11 -27.81
CA GLU D 243 28.70 -5.03 -27.01
C GLU D 243 28.31 -5.05 -25.54
N PHE D 244 28.10 -3.84 -24.97
CA PHE D 244 27.70 -3.76 -23.58
C PHE D 244 26.36 -4.39 -23.29
N MET D 245 25.39 -4.13 -24.14
CA MET D 245 24.03 -4.61 -23.93
C MET D 245 23.90 -6.13 -24.19
N LEU D 246 24.69 -6.64 -25.14
CA LEU D 246 24.79 -8.10 -25.30
C LEU D 246 25.25 -8.78 -24.02
N GLU D 247 26.22 -8.15 -23.35
CA GLU D 247 26.68 -8.67 -22.09
C GLU D 247 25.60 -8.58 -21.00
N GLN D 248 24.84 -7.48 -20.98
CA GLN D 248 23.84 -7.36 -19.93
C GLN D 248 22.69 -8.31 -20.09
N ILE D 249 22.25 -8.47 -21.31
CA ILE D 249 21.17 -9.37 -21.65
C ILE D 249 21.55 -10.81 -21.38
N ALA D 250 22.83 -11.12 -21.43
CA ALA D 250 23.28 -12.49 -21.15
C ALA D 250 23.30 -12.73 -19.65
N LYS D 251 23.38 -11.64 -18.86
CA LYS D 251 23.71 -11.73 -17.45
C LYS D 251 22.45 -12.08 -16.67
P PO4 E . -24.47 -19.60 23.62
O1 PO4 E . -25.53 -18.53 23.92
O2 PO4 E . -25.33 -20.76 23.20
O3 PO4 E . -23.81 -20.05 24.91
O4 PO4 E . -23.37 -19.17 22.61
C1 GOL F . -38.66 -5.05 8.82
O1 GOL F . -37.62 -5.68 9.51
C2 GOL F . -38.06 -3.97 7.95
O2 GOL F . -38.99 -3.61 6.96
C3 GOL F . -36.74 -4.40 7.33
O3 GOL F . -36.55 -3.57 6.19
P PO4 G . -4.15 -16.19 -8.92
O1 PO4 G . -4.69 -17.19 -7.91
O2 PO4 G . -5.02 -16.08 -10.10
O3 PO4 G . -2.66 -16.51 -9.28
O4 PO4 G . -4.09 -14.78 -8.26
P PO4 H . -5.30 -19.27 -11.91
O1 PO4 H . -6.35 -20.29 -12.19
O2 PO4 H . -5.98 -17.97 -11.44
O3 PO4 H . -4.38 -18.97 -13.13
O4 PO4 H . -4.47 -19.78 -10.74
C1 GOL I . -15.55 -27.73 -22.44
O1 GOL I . -16.20 -28.79 -23.11
C2 GOL I . -15.73 -27.84 -20.92
O2 GOL I . -15.23 -29.15 -20.59
C3 GOL I . -15.00 -26.67 -20.19
O3 GOL I . -13.56 -26.58 -20.36
C1 GOL J . -2.27 -10.13 12.34
O1 GOL J . -2.45 -11.52 12.56
C2 GOL J . -0.80 -9.85 12.05
O2 GOL J . 0.05 -10.37 13.05
C3 GOL J . -0.51 -8.37 11.81
O3 GOL J . 0.88 -8.28 11.55
P PO4 K . 2.51 17.30 8.28
O1 PO4 K . 1.57 16.21 7.87
O2 PO4 K . 3.53 17.65 7.25
O3 PO4 K . 3.18 16.78 9.57
O4 PO4 K . 1.53 18.49 8.63
C1 GOL L . -1.65 18.49 8.01
O1 GOL L . -1.48 19.89 8.07
C2 GOL L . -2.18 17.97 9.33
O2 GOL L . -3.43 18.56 9.51
C3 GOL L . -1.32 18.26 10.58
O3 GOL L . 0.00 17.84 10.44
P PO4 M . 22.12 19.52 -24.77
O1 PO4 M . 21.67 19.42 -26.18
O2 PO4 M . 21.48 18.51 -23.85
O3 PO4 M . 21.71 20.94 -24.40
O4 PO4 M . 23.58 19.68 -24.47
P PO4 N . 20.91 16.24 -27.69
O1 PO4 N . 19.82 15.20 -27.92
O2 PO4 N . 20.28 17.61 -27.25
O3 PO4 N . 21.79 16.55 -28.88
O4 PO4 N . 21.82 15.83 -26.48
C1 GOL O . 11.41 8.51 -35.74
O1 GOL O . 12.80 8.67 -35.68
C2 GOL O . 11.11 7.27 -36.58
O2 GOL O . 11.35 6.07 -35.92
C3 GOL O . 9.72 7.14 -37.16
O3 GOL O . 9.93 6.56 -38.46
C1 GOL P . 2.21 10.50 -13.55
O1 GOL P . 2.58 9.24 -14.07
C2 GOL P . 0.75 10.78 -13.73
O2 GOL P . -0.12 9.72 -13.36
C3 GOL P . 0.40 12.15 -13.17
O3 GOL P . 0.00 12.82 -14.35
#